data_6IYK
#
_entry.id   6IYK
#
_cell.length_a   124.503
_cell.length_b   57.220
_cell.length_c   171.648
_cell.angle_alpha   90.00
_cell.angle_beta   96.31
_cell.angle_gamma   90.00
#
_symmetry.space_group_name_H-M   'I 1 2 1'
#
loop_
_entity.id
_entity.type
_entity.pdbx_description
1 polymer '2,3-dihydroxybenzoate-AMP ligase component of enterobactin synthase multienzyme complex'
2 non-polymer "5'-O-[(2-nitrobenzene-1-carbonyl)sulfamoyl]adenosine"
3 water water
#
_entity_poly.entity_id   1
_entity_poly.type   'polypeptide(L)'
_entity_poly.pdbx_seq_one_letter_code
;MSIPFTRWPEEFARRYREKGYWQDLPLTDILTRHAASDSIAVIDGERQLSYRELNQAADNLACSLRRQGIKPGETALVQL
GNVAELYITFFALLKLGVAPVLALFSHQRSELNAYASQIEPALLIADRQHALFSGDDFLNTFVTEHSSIRVVQLLNDSGE
HNLQDAINHPAEDFTATPSPADEVAYFQLSGGTTGTPKLIPRTHNDYYYSVRRSVEICQFTQQTRYLCAIPAAHGYAMSS
PGSLGVFLAGGTVVLAADPSATLCFPLIEKHQVNVTALVPPAVSLWLQALIEGESRAQLASLKLLQVGGARLSATLAARI
PAEIGCQLQQVFGMAEGLVNYTRLDDSAEKIIHTQGYPMCPDDEVWVADAEGNPLPQGEVGRLMTRGPYTFRGYYKSPQH
NASAFDANGFYCSGDLISIDPEGYITVQGREKDQINRGGEKIAAEEIENLLLRHPAVIYAALVSMEDELMGEKSCAYLVV
KEPLRAVQVRRFLREQGIAEFKLPDRVECVDSLPLTAVGKVDKKQLRQWLASRASATNSSSVDKLAAALEHHHHHH
;
_entity_poly.pdbx_strand_id   A,B
#
loop_
_chem_comp.id
_chem_comp.type
_chem_comp.name
_chem_comp.formula
B1U non-polymer 5'-O-[(2-nitrobenzene-1-carbonyl)sulfamoyl]adenosine 'C17 H17 N7 O9 S'
#
# COMPACT_ATOMS: atom_id res chain seq x y z
N ILE A 3 14.19 39.07 -24.10
CA ILE A 3 14.04 37.82 -23.26
C ILE A 3 12.74 37.85 -22.47
N PRO A 4 11.79 36.94 -22.80
CA PRO A 4 10.44 37.03 -22.29
C PRO A 4 10.28 36.49 -20.89
N PHE A 5 9.55 37.23 -20.07
CA PHE A 5 9.31 36.86 -18.70
C PHE A 5 8.04 37.54 -18.24
N THR A 6 7.54 37.16 -17.07
CA THR A 6 6.27 37.69 -16.60
C THR A 6 6.56 38.96 -15.78
N ARG A 7 6.11 40.10 -16.30
CA ARG A 7 6.39 41.40 -15.69
C ARG A 7 5.43 41.59 -14.53
N TRP A 8 5.79 42.45 -13.58
CA TRP A 8 4.88 42.85 -12.55
C TRP A 8 3.81 43.74 -13.18
N PRO A 9 2.60 43.75 -12.61
CA PRO A 9 1.64 44.74 -13.11
C PRO A 9 2.14 46.17 -12.82
N GLU A 10 1.91 47.08 -13.77
CA GLU A 10 2.41 48.46 -13.74
C GLU A 10 2.21 49.18 -12.40
N GLU A 11 1.09 48.92 -11.72
CA GLU A 11 0.89 49.55 -10.42
C GLU A 11 1.82 48.98 -9.29
N PHE A 12 2.25 47.71 -9.42
CA PHE A 12 3.23 47.15 -8.47
C PHE A 12 4.62 47.73 -8.75
N ALA A 13 5.04 47.73 -9.99
CA ALA A 13 6.26 48.40 -10.35
C ALA A 13 6.31 49.85 -9.82
N ARG A 14 5.23 50.59 -10.00
CA ARG A 14 5.20 51.99 -9.66
C ARG A 14 5.35 52.10 -8.16
N ARG A 15 4.53 51.37 -7.42
CA ARG A 15 4.67 51.33 -5.97
C ARG A 15 6.10 50.98 -5.55
N TYR A 16 6.68 49.95 -6.16
CA TYR A 16 7.96 49.47 -5.71
C TYR A 16 9.08 50.45 -6.01
N ARG A 17 8.93 51.22 -7.08
CA ARG A 17 9.83 52.36 -7.28
C ARG A 17 9.58 53.49 -6.24
N GLU A 18 8.34 53.85 -5.98
CA GLU A 18 8.07 54.96 -5.06
C GLU A 18 8.65 54.69 -3.67
N LYS A 19 8.60 53.43 -3.23
CA LYS A 19 9.12 53.07 -1.91
C LYS A 19 10.61 52.84 -1.88
N GLY A 20 11.29 52.89 -3.02
CA GLY A 20 12.75 52.81 -3.05
C GLY A 20 13.35 51.43 -3.22
N TYR A 21 12.52 50.41 -3.45
CA TYR A 21 12.97 49.02 -3.59
C TYR A 21 13.65 48.78 -4.95
N TRP A 22 12.99 49.26 -6.01
CA TRP A 22 13.55 49.17 -7.33
C TRP A 22 14.23 50.48 -7.58
N GLN A 23 15.56 50.43 -7.70
CA GLN A 23 16.40 51.61 -8.00
C GLN A 23 16.84 51.80 -9.48
N ASP A 24 16.44 50.91 -10.38
CA ASP A 24 16.80 50.99 -11.81
C ASP A 24 18.30 51.10 -12.10
N LEU A 25 19.07 50.44 -11.26
CA LEU A 25 20.51 50.26 -11.47
C LEU A 25 20.85 48.84 -11.92
N PRO A 26 21.78 48.71 -12.85
CA PRO A 26 22.16 47.31 -13.17
C PRO A 26 22.90 46.65 -11.99
N LEU A 27 22.93 45.32 -11.97
CA LEU A 27 23.66 44.57 -10.97
C LEU A 27 25.13 44.78 -11.08
N THR A 28 25.60 45.24 -12.25
CA THR A 28 27.05 45.49 -12.43
C THR A 28 27.52 46.56 -11.44
N ASP A 29 26.60 47.39 -11.00
CA ASP A 29 26.92 48.47 -10.11
C ASP A 29 27.42 47.94 -8.75
N ILE A 30 27.05 46.69 -8.41
CA ILE A 30 27.56 46.04 -7.17
C ILE A 30 29.10 45.99 -7.18
N LEU A 31 29.67 45.75 -8.37
CA LEU A 31 31.09 45.63 -8.55
C LEU A 31 31.76 46.95 -8.97
N THR A 32 31.18 47.68 -9.92
CA THR A 32 31.83 48.87 -10.47
C THR A 32 31.92 50.01 -9.46
N ARG A 33 31.03 50.08 -8.45
CA ARG A 33 31.21 51.09 -7.41
C ARG A 33 32.56 50.94 -6.69
N HIS A 34 33.16 49.75 -6.76
CA HIS A 34 34.46 49.44 -6.13
C HIS A 34 35.59 49.28 -7.14
N ALA A 35 35.36 49.72 -8.38
CA ALA A 35 36.36 49.50 -9.45
C ALA A 35 37.73 50.11 -9.16
N ALA A 36 37.75 51.14 -8.32
CA ALA A 36 38.97 51.82 -7.98
C ALA A 36 39.65 51.24 -6.75
N SER A 37 39.07 50.20 -6.15
CA SER A 37 39.54 49.67 -4.86
C SER A 37 40.51 48.51 -5.00
N ASP A 38 41.58 48.55 -4.19
CA ASP A 38 42.60 47.50 -4.16
C ASP A 38 42.42 46.65 -2.93
N SER A 39 41.33 46.86 -2.19
CA SER A 39 41.03 45.92 -1.09
C SER A 39 40.64 44.53 -1.67
N ILE A 40 40.80 43.48 -0.87
CA ILE A 40 40.56 42.14 -1.36
C ILE A 40 39.07 41.77 -1.45
N ALA A 41 38.63 41.34 -2.64
CA ALA A 41 37.22 40.93 -2.87
C ALA A 41 36.99 39.42 -2.79
N VAL A 42 37.93 38.64 -3.29
CA VAL A 42 37.79 37.19 -3.35
C VAL A 42 39.12 36.56 -2.94
N ILE A 43 39.05 35.57 -2.08
CA ILE A 43 40.19 34.73 -1.79
C ILE A 43 39.80 33.30 -2.20
N ASP A 44 40.67 32.69 -3.02
CA ASP A 44 40.43 31.37 -3.57
C ASP A 44 41.72 30.53 -3.52
N GLY A 45 41.90 29.71 -2.51
CA GLY A 45 43.21 29.12 -2.28
C GLY A 45 44.28 30.19 -1.98
N GLU A 46 45.35 30.22 -2.78
CA GLU A 46 46.50 31.13 -2.53
C GLU A 46 46.29 32.46 -3.23
N ARG A 47 45.25 32.50 -4.06
CA ARG A 47 44.98 33.60 -4.94
C ARG A 47 44.03 34.62 -4.31
N GLN A 48 44.38 35.88 -4.42
CA GLN A 48 43.61 36.95 -3.81
C GLN A 48 43.39 38.07 -4.81
N LEU A 49 42.13 38.28 -5.17
CA LEU A 49 41.75 39.23 -6.19
C LEU A 49 41.11 40.42 -5.55
N SER A 50 41.60 41.61 -5.88
CA SER A 50 41.03 42.85 -5.40
C SER A 50 39.82 43.19 -6.25
N TYR A 51 39.00 44.14 -5.77
CA TYR A 51 37.90 44.65 -6.55
C TYR A 51 38.35 45.22 -7.91
N ARG A 52 39.41 46.04 -7.91
CA ARG A 52 39.99 46.54 -9.18
C ARG A 52 40.25 45.42 -10.17
N GLU A 53 40.92 44.37 -9.68
CA GLU A 53 41.29 43.24 -10.53
C GLU A 53 40.07 42.44 -10.98
N LEU A 54 39.14 42.18 -10.04
CA LEU A 54 37.89 41.48 -10.29
C LEU A 54 37.12 42.22 -11.38
N ASN A 55 36.98 43.53 -11.22
CA ASN A 55 36.26 44.32 -12.24
C ASN A 55 36.95 44.34 -13.60
N GLN A 56 38.27 44.44 -13.61
CA GLN A 56 39.05 44.36 -14.85
C GLN A 56 38.90 42.97 -15.50
N ALA A 57 38.87 41.92 -14.67
CA ALA A 57 38.73 40.55 -15.19
C ALA A 57 37.35 40.40 -15.88
N ALA A 58 36.31 40.94 -15.26
CA ALA A 58 34.97 40.89 -15.88
C ALA A 58 34.91 41.67 -17.22
N ASP A 59 35.58 42.83 -17.26
CA ASP A 59 35.66 43.63 -18.50
C ASP A 59 36.42 42.86 -19.56
N ASN A 60 37.56 42.31 -19.20
CA ASN A 60 38.37 41.57 -20.17
C ASN A 60 37.57 40.42 -20.78
N LEU A 61 36.94 39.62 -19.93
CA LEU A 61 36.17 38.48 -20.37
C LEU A 61 34.97 38.94 -21.22
N ALA A 62 34.24 39.95 -20.75
CA ALA A 62 33.12 40.50 -21.51
C ALA A 62 33.54 40.93 -22.91
N CYS A 63 34.63 41.68 -23.00
CA CYS A 63 35.16 42.23 -24.25
C CYS A 63 35.59 41.11 -25.20
N SER A 64 36.25 40.13 -24.62
CA SER A 64 36.75 38.99 -25.37
C SER A 64 35.59 38.21 -25.99
N LEU A 65 34.51 38.09 -25.23
CA LEU A 65 33.32 37.40 -25.69
C LEU A 65 32.65 38.22 -26.77
N ARG A 66 32.72 39.53 -26.65
CA ARG A 66 32.09 40.41 -27.63
C ARG A 66 32.83 40.28 -28.95
N ARG A 67 34.15 40.22 -28.88
CA ARG A 67 35.01 39.95 -30.06
C ARG A 67 34.64 38.60 -30.74
N GLN A 68 34.25 37.60 -29.94
CA GLN A 68 33.87 36.28 -30.44
C GLN A 68 32.41 36.21 -30.90
N GLY A 69 31.68 37.31 -30.77
CA GLY A 69 30.36 37.45 -31.42
C GLY A 69 29.15 37.34 -30.52
N ILE A 70 29.36 37.30 -29.20
CA ILE A 70 28.24 37.18 -28.28
C ILE A 70 27.60 38.57 -28.15
N LYS A 71 26.27 38.61 -28.15
CA LYS A 71 25.50 39.86 -28.17
C LYS A 71 24.52 40.01 -27.00
N PRO A 72 24.13 41.25 -26.71
CA PRO A 72 23.16 41.47 -25.66
C PRO A 72 21.81 40.86 -25.99
N GLY A 73 21.11 40.41 -24.96
CA GLY A 73 19.86 39.70 -25.12
C GLY A 73 20.05 38.22 -25.43
N GLU A 74 21.28 37.76 -25.65
CA GLU A 74 21.46 36.31 -25.75
C GLU A 74 21.59 35.71 -24.35
N THR A 75 21.45 34.40 -24.28
CA THR A 75 21.64 33.62 -23.06
C THR A 75 22.92 32.79 -23.06
N ALA A 76 23.33 32.36 -21.87
CA ALA A 76 24.51 31.48 -21.71
C ALA A 76 24.25 30.40 -20.66
N LEU A 77 24.92 29.27 -20.83
CA LEU A 77 25.00 28.23 -19.77
C LEU A 77 26.38 28.22 -19.14
N VAL A 78 26.40 28.41 -17.83
CA VAL A 78 27.62 28.45 -17.06
C VAL A 78 27.65 27.35 -16.03
N GLN A 79 28.75 26.57 -16.01
CA GLN A 79 29.01 25.57 -14.97
C GLN A 79 30.35 25.69 -14.27
N LEU A 80 30.37 26.49 -13.20
CA LEU A 80 31.59 26.69 -12.45
C LEU A 80 31.30 26.48 -10.97
N GLY A 81 32.24 25.86 -10.26
CA GLY A 81 32.10 25.63 -8.84
C GLY A 81 32.51 26.87 -8.00
N ASN A 82 33.20 26.58 -6.89
CA ASN A 82 33.55 27.58 -5.91
C ASN A 82 34.91 28.12 -6.30
N VAL A 83 34.91 28.84 -7.41
CA VAL A 83 36.13 29.41 -7.94
C VAL A 83 35.89 30.86 -8.29
N ALA A 84 36.97 31.63 -8.23
CA ALA A 84 36.90 33.08 -8.53
C ALA A 84 36.31 33.34 -9.90
N GLU A 85 36.62 32.45 -10.84
CA GLU A 85 36.10 32.60 -12.15
C GLU A 85 34.59 32.55 -12.25
N LEU A 86 33.91 32.00 -11.24
CA LEU A 86 32.44 32.08 -11.21
C LEU A 86 31.96 33.53 -11.21
N TYR A 87 32.52 34.31 -10.31
CA TYR A 87 32.18 35.72 -10.20
C TYR A 87 32.63 36.61 -11.39
N ILE A 88 33.86 36.36 -11.85
CA ILE A 88 34.34 37.05 -13.03
C ILE A 88 33.37 36.82 -14.16
N THR A 89 32.90 35.59 -14.30
CA THR A 89 31.98 35.24 -15.41
C THR A 89 30.59 35.88 -15.22
N PHE A 90 30.08 35.86 -14.00
CA PHE A 90 28.73 36.41 -13.74
C PHE A 90 28.77 37.90 -14.12
N PHE A 91 29.73 38.66 -13.61
CA PHE A 91 29.78 40.10 -13.91
C PHE A 91 30.13 40.39 -15.37
N ALA A 92 30.98 39.56 -15.97
CA ALA A 92 31.30 39.73 -17.38
C ALA A 92 30.02 39.57 -18.24
N LEU A 93 29.22 38.55 -17.95
CA LEU A 93 27.97 38.39 -18.69
C LEU A 93 26.95 39.49 -18.37
N LEU A 94 26.94 40.00 -17.16
CA LEU A 94 26.04 41.09 -16.81
C LEU A 94 26.43 42.36 -17.55
N LYS A 95 27.72 42.58 -17.73
CA LYS A 95 28.20 43.77 -18.44
C LYS A 95 27.88 43.73 -19.93
N LEU A 96 27.66 42.53 -20.47
CA LEU A 96 27.32 42.35 -21.88
C LEU A 96 25.84 42.29 -22.14
N GLY A 97 25.02 42.22 -21.08
CA GLY A 97 23.56 42.04 -21.27
C GLY A 97 23.17 40.62 -21.69
N VAL A 98 23.97 39.62 -21.32
CA VAL A 98 23.71 38.20 -21.56
C VAL A 98 23.22 37.62 -20.26
N ALA A 99 22.19 36.79 -20.32
CA ALA A 99 21.54 36.25 -19.11
C ALA A 99 21.91 34.78 -18.96
N PRO A 100 22.70 34.44 -17.94
CA PRO A 100 23.09 33.04 -17.77
C PRO A 100 22.18 32.26 -16.84
N VAL A 101 22.19 30.95 -17.04
CA VAL A 101 21.93 29.99 -15.97
C VAL A 101 23.26 29.60 -15.39
N LEU A 102 23.35 29.64 -14.07
CA LEU A 102 24.53 29.09 -13.35
C LEU A 102 24.20 27.68 -12.84
N ALA A 103 24.53 26.68 -13.63
CA ALA A 103 24.39 25.28 -13.12
C ALA A 103 25.40 25.02 -12.00
N LEU A 104 25.04 24.21 -11.04
CA LEU A 104 26.00 23.75 -10.01
C LEU A 104 26.97 22.71 -10.56
N PHE A 105 28.19 22.71 -10.03
CA PHE A 105 29.21 21.73 -10.43
C PHE A 105 28.69 20.31 -10.40
N SER A 106 27.81 20.01 -9.42
CA SER A 106 27.32 18.66 -9.20
C SER A 106 26.39 18.15 -10.29
N HIS A 107 25.80 19.09 -11.05
CA HIS A 107 24.81 18.77 -12.06
C HIS A 107 25.46 18.04 -13.21
N GLN A 108 24.70 17.19 -13.88
CA GLN A 108 25.26 16.33 -14.93
C GLN A 108 24.49 16.48 -16.29
N ARG A 109 24.60 15.52 -17.22
CA ARG A 109 23.96 15.62 -18.56
C ARG A 109 22.48 16.04 -18.56
N SER A 110 21.65 15.32 -17.83
CA SER A 110 20.26 15.56 -17.97
C SER A 110 19.95 17.00 -17.58
N GLU A 111 20.54 17.47 -16.50
CA GLU A 111 20.31 18.83 -16.08
C GLU A 111 20.90 19.87 -17.07
N LEU A 112 22.13 19.65 -17.52
CA LEU A 112 22.70 20.59 -18.48
C LEU A 112 21.84 20.61 -19.73
N ASN A 113 21.51 19.43 -20.24
CA ASN A 113 20.60 19.32 -21.40
C ASN A 113 19.28 20.06 -21.20
N ALA A 114 18.68 19.85 -20.02
CA ALA A 114 17.45 20.53 -19.70
C ALA A 114 17.61 22.06 -19.74
N TYR A 115 18.70 22.57 -19.17
CA TYR A 115 18.88 24.03 -19.13
C TYR A 115 19.12 24.59 -20.54
N ALA A 116 20.06 23.96 -21.26
CA ALA A 116 20.32 24.34 -22.63
C ALA A 116 19.09 24.27 -23.53
N SER A 117 18.24 23.29 -23.35
CA SER A 117 17.04 23.19 -24.19
C SER A 117 16.08 24.36 -24.00
N GLN A 118 15.95 24.84 -22.78
CA GLN A 118 15.02 25.93 -22.48
C GLN A 118 15.51 27.33 -22.90
N ILE A 119 16.79 27.62 -22.70
CA ILE A 119 17.31 28.98 -22.91
C ILE A 119 18.09 29.20 -24.24
N GLU A 120 18.51 28.12 -24.89
CA GLU A 120 19.20 28.17 -26.20
C GLU A 120 20.43 29.07 -26.14
N PRO A 121 21.38 28.68 -25.28
CA PRO A 121 22.50 29.54 -24.97
C PRO A 121 23.37 29.74 -26.19
N ALA A 122 23.88 30.95 -26.35
CA ALA A 122 24.86 31.21 -27.43
C ALA A 122 26.27 30.87 -26.92
N LEU A 123 26.38 30.75 -25.60
CA LEU A 123 27.67 30.60 -24.97
C LEU A 123 27.61 29.47 -23.92
N LEU A 124 28.63 28.61 -23.91
CA LEU A 124 28.84 27.61 -22.87
C LEU A 124 30.16 27.88 -22.21
N ILE A 125 30.14 28.03 -20.89
CA ILE A 125 31.33 28.12 -20.11
C ILE A 125 31.34 27.00 -19.05
N ALA A 126 32.41 26.23 -18.97
CA ALA A 126 32.43 25.06 -18.07
C ALA A 126 33.84 24.78 -17.60
N ASP A 127 34.04 23.65 -16.93
CA ASP A 127 35.31 23.38 -16.29
C ASP A 127 35.81 21.99 -16.65
N ARG A 128 37.00 21.92 -17.25
CA ARG A 128 37.59 20.62 -17.62
C ARG A 128 37.83 19.68 -16.46
N GLN A 129 37.87 20.22 -15.26
CA GLN A 129 37.88 19.41 -14.06
C GLN A 129 36.58 18.60 -13.85
N HIS A 130 35.50 19.04 -14.48
CA HIS A 130 34.26 18.30 -14.39
C HIS A 130 34.36 17.03 -15.26
N ALA A 131 33.84 15.92 -14.76
CA ALA A 131 33.99 14.65 -15.45
C ALA A 131 33.54 14.70 -16.91
N LEU A 132 32.47 15.47 -17.18
CA LEU A 132 31.87 15.60 -18.50
C LEU A 132 32.71 16.39 -19.48
N PHE A 133 33.67 17.16 -18.97
CA PHE A 133 34.41 18.05 -19.82
C PHE A 133 35.93 17.84 -19.79
N SER A 134 36.43 16.83 -19.08
CA SER A 134 37.86 16.50 -19.14
C SER A 134 38.31 16.11 -20.54
N GLY A 135 37.41 15.50 -21.29
CA GLY A 135 37.62 15.19 -22.70
C GLY A 135 36.71 16.04 -23.57
N ASP A 136 36.54 15.64 -24.82
CA ASP A 136 35.79 16.41 -25.80
C ASP A 136 34.58 15.70 -26.37
N ASP A 137 34.37 14.43 -26.01
CA ASP A 137 33.21 13.67 -26.52
C ASP A 137 31.88 14.25 -26.14
N PHE A 138 31.65 14.46 -24.84
CA PHE A 138 30.36 15.03 -24.42
C PHE A 138 30.13 16.39 -25.09
N LEU A 139 31.19 17.21 -25.13
CA LEU A 139 31.12 18.51 -25.78
C LEU A 139 30.59 18.43 -27.18
N ASN A 140 31.12 17.48 -27.92
CA ASN A 140 30.73 17.33 -29.33
C ASN A 140 29.25 17.04 -29.44
N THR A 141 28.77 16.22 -28.51
CA THR A 141 27.39 15.82 -28.51
C THR A 141 26.57 17.00 -28.06
N PHE A 142 27.02 17.67 -27.00
CA PHE A 142 26.28 18.80 -26.45
C PHE A 142 26.19 19.94 -27.47
N VAL A 143 27.29 20.25 -28.13
CA VAL A 143 27.29 21.32 -29.10
C VAL A 143 26.42 20.93 -30.34
N THR A 144 26.45 19.65 -30.73
CA THR A 144 25.58 19.16 -31.79
C THR A 144 24.11 19.26 -31.42
N GLU A 145 23.72 18.86 -30.20
CA GLU A 145 22.29 18.80 -29.82
C GLU A 145 21.70 20.10 -29.35
N HIS A 146 22.55 21.12 -29.17
CA HIS A 146 22.17 22.47 -28.75
C HIS A 146 22.92 23.47 -29.61
N SER A 147 22.51 23.53 -30.88
CA SER A 147 23.23 24.26 -31.95
C SER A 147 23.20 25.76 -31.81
N SER A 148 22.41 26.28 -30.88
CA SER A 148 22.47 27.68 -30.50
C SER A 148 23.85 28.08 -30.05
N ILE A 149 24.65 27.13 -29.53
CA ILE A 149 25.93 27.45 -28.90
C ILE A 149 26.96 27.76 -29.97
N ARG A 150 27.56 28.94 -29.90
CA ARG A 150 28.59 29.38 -30.87
C ARG A 150 29.98 29.47 -30.26
N VAL A 151 30.04 29.66 -28.94
CA VAL A 151 31.31 29.87 -28.24
C VAL A 151 31.37 28.95 -27.02
N VAL A 152 32.52 28.31 -26.82
CA VAL A 152 32.74 27.47 -25.65
C VAL A 152 34.03 27.95 -25.01
N GLN A 153 33.95 28.34 -23.74
CA GLN A 153 35.13 28.65 -22.96
C GLN A 153 35.19 27.65 -21.80
N LEU A 154 36.37 27.21 -21.45
CA LEU A 154 36.53 26.18 -20.45
C LEU A 154 37.62 26.55 -19.49
N LEU A 155 37.34 26.38 -18.21
CA LEU A 155 38.37 26.52 -17.17
C LEU A 155 39.31 25.29 -17.19
N ASN A 156 40.56 25.51 -16.75
CA ASN A 156 41.56 24.44 -16.71
C ASN A 156 41.74 23.75 -18.03
N ASP A 157 41.78 24.56 -19.08
CA ASP A 157 42.00 24.09 -20.45
C ASP A 157 43.25 24.80 -20.89
N SER A 158 44.07 24.13 -21.68
CA SER A 158 45.28 24.77 -22.25
C SER A 158 45.14 25.08 -23.76
N GLY A 159 44.11 24.51 -24.41
CA GLY A 159 43.88 24.61 -25.84
C GLY A 159 43.29 25.92 -26.32
N GLU A 160 42.51 25.87 -27.37
CA GLU A 160 41.99 27.10 -27.98
C GLU A 160 40.91 27.73 -27.11
N HIS A 161 40.28 26.95 -26.25
CA HIS A 161 39.10 27.41 -25.53
C HIS A 161 39.36 27.79 -24.08
N ASN A 162 40.54 28.30 -23.78
CA ASN A 162 40.96 28.51 -22.41
C ASN A 162 40.38 29.78 -21.88
N LEU A 163 39.48 29.65 -20.90
CA LEU A 163 38.80 30.78 -20.28
C LEU A 163 39.79 31.82 -19.72
N GLN A 164 40.92 31.36 -19.23
CA GLN A 164 41.95 32.25 -18.68
C GLN A 164 42.48 33.24 -19.72
N ASP A 165 42.82 32.74 -20.90
CA ASP A 165 43.29 33.60 -21.98
C ASP A 165 42.34 34.76 -22.22
N ALA A 166 41.04 34.50 -22.12
CA ALA A 166 40.03 35.54 -22.30
C ALA A 166 40.03 36.53 -21.10
N ILE A 167 40.12 35.98 -19.88
CA ILE A 167 40.15 36.79 -18.69
C ILE A 167 41.41 37.68 -18.66
N ASN A 168 42.55 37.13 -19.08
CA ASN A 168 43.84 37.82 -19.06
C ASN A 168 44.10 38.79 -20.21
N HIS A 169 43.27 38.76 -21.24
CA HIS A 169 43.44 39.65 -22.38
C HIS A 169 42.83 41.05 -22.09
N PRO A 170 43.68 42.10 -21.96
CA PRO A 170 43.19 43.42 -21.52
C PRO A 170 42.17 43.97 -22.49
N ALA A 171 41.02 44.37 -21.97
CA ALA A 171 39.98 44.89 -22.81
C ALA A 171 40.48 46.20 -23.38
N GLU A 172 40.38 46.36 -24.70
CA GLU A 172 40.88 47.56 -25.35
C GLU A 172 39.94 48.74 -25.04
N ASP A 173 38.81 48.84 -25.75
CA ASP A 173 37.91 49.99 -25.56
C ASP A 173 36.50 49.47 -25.32
N PHE A 174 36.27 49.07 -24.06
CA PHE A 174 35.09 48.31 -23.71
C PHE A 174 34.07 49.17 -22.99
N THR A 175 32.87 49.23 -23.57
CA THR A 175 31.76 49.86 -22.87
C THR A 175 30.67 48.81 -22.65
N ALA A 176 30.25 48.70 -21.39
CA ALA A 176 29.27 47.75 -20.93
C ALA A 176 27.90 48.08 -21.45
N THR A 177 27.12 47.04 -21.71
CA THR A 177 25.75 47.16 -22.18
C THR A 177 24.85 46.19 -21.42
N PRO A 178 24.74 46.38 -20.09
CA PRO A 178 23.79 45.59 -19.30
C PRO A 178 22.38 45.71 -19.83
N SER A 179 21.58 44.66 -19.74
CA SER A 179 20.15 44.77 -20.12
C SER A 179 19.53 45.86 -19.29
N PRO A 180 18.44 46.45 -19.76
CA PRO A 180 17.73 47.42 -18.90
C PRO A 180 17.42 46.83 -17.54
N ALA A 181 17.34 47.69 -16.51
CA ALA A 181 17.17 47.26 -15.12
C ALA A 181 15.84 46.55 -14.83
N ASP A 182 14.83 46.87 -15.63
CA ASP A 182 13.52 46.20 -15.48
C ASP A 182 13.39 44.99 -16.41
N GLU A 183 14.50 44.56 -17.00
CA GLU A 183 14.53 43.37 -17.85
C GLU A 183 15.36 42.28 -17.15
N VAL A 184 15.45 41.11 -17.79
CA VAL A 184 16.09 39.96 -17.21
C VAL A 184 17.60 40.16 -17.13
N ALA A 185 18.13 39.97 -15.93
CA ALA A 185 19.58 39.90 -15.75
C ALA A 185 20.06 38.47 -15.76
N TYR A 186 19.35 37.60 -15.05
CA TYR A 186 19.70 36.17 -15.09
C TYR A 186 18.61 35.20 -14.64
N PHE A 187 18.87 33.92 -14.88
CA PHE A 187 17.96 32.84 -14.51
C PHE A 187 18.47 32.10 -13.26
N GLN A 188 17.59 31.95 -12.30
CA GLN A 188 17.85 31.08 -11.19
C GLN A 188 17.16 29.78 -11.43
N LEU A 189 17.61 28.75 -10.72
CA LEU A 189 17.01 27.44 -10.75
C LEU A 189 16.08 27.28 -9.59
N SER A 190 14.90 26.71 -9.86
CA SER A 190 14.03 26.26 -8.81
C SER A 190 14.52 24.97 -8.19
N GLY A 191 14.13 24.73 -6.95
CA GLY A 191 14.33 23.42 -6.33
C GLY A 191 13.80 22.28 -7.16
N GLY A 192 12.57 22.42 -7.62
CA GLY A 192 11.99 21.39 -8.51
C GLY A 192 10.81 20.69 -7.87
N THR A 193 9.66 20.80 -8.54
CA THR A 193 8.45 20.10 -8.16
C THR A 193 7.86 19.32 -9.33
N THR A 194 8.53 19.33 -10.49
CA THR A 194 7.98 18.69 -11.68
C THR A 194 9.06 17.90 -12.32
N GLY A 195 8.71 17.19 -13.38
CA GLY A 195 9.62 16.35 -14.12
C GLY A 195 10.65 17.06 -14.97
N THR A 196 10.42 18.33 -15.32
CA THR A 196 11.48 19.12 -15.98
C THR A 196 11.80 20.35 -15.13
N PRO A 197 13.06 20.75 -15.09
CA PRO A 197 13.49 21.84 -14.24
C PRO A 197 12.88 23.14 -14.69
N LYS A 198 12.67 24.03 -13.73
CA LYS A 198 12.04 25.30 -14.01
C LYS A 198 13.00 26.49 -13.73
N LEU A 199 13.03 27.42 -14.68
CA LEU A 199 13.91 28.59 -14.58
C LEU A 199 13.14 29.79 -14.04
N ILE A 200 13.81 30.55 -13.19
CA ILE A 200 13.22 31.71 -12.57
C ILE A 200 13.92 32.94 -13.10
N PRO A 201 13.24 33.72 -13.96
CA PRO A 201 13.88 34.95 -14.39
C PRO A 201 13.98 35.96 -13.27
N ARG A 202 15.14 36.59 -13.17
CA ARG A 202 15.40 37.61 -12.20
C ARG A 202 15.82 38.87 -12.94
N THR A 203 15.06 39.95 -12.70
CA THR A 203 15.43 41.26 -13.21
C THR A 203 16.45 41.91 -12.28
N HIS A 204 17.19 42.90 -12.81
CA HIS A 204 18.16 43.70 -12.01
C HIS A 204 17.51 44.38 -10.81
N ASN A 205 16.38 45.04 -11.04
CA ASN A 205 15.68 45.69 -9.96
C ASN A 205 15.35 44.73 -8.84
N ASP A 206 14.92 43.52 -9.20
CA ASP A 206 14.30 42.70 -8.21
C ASP A 206 15.42 42.01 -7.46
N TYR A 207 16.44 41.56 -8.21
CA TYR A 207 17.54 40.84 -7.59
C TYR A 207 18.44 41.77 -6.74
N TYR A 208 18.71 42.98 -7.23
CA TYR A 208 19.60 43.93 -6.54
C TYR A 208 18.95 44.31 -5.24
N TYR A 209 17.64 44.54 -5.27
CA TYR A 209 16.94 44.83 -4.03
C TYR A 209 17.10 43.68 -3.00
N SER A 210 17.00 42.43 -3.42
CA SER A 210 17.10 41.32 -2.47
C SER A 210 18.51 41.30 -1.86
N VAL A 211 19.51 41.60 -2.67
CA VAL A 211 20.86 41.73 -2.15
C VAL A 211 21.03 42.92 -1.23
N ARG A 212 20.69 44.11 -1.71
CA ARG A 212 20.81 45.35 -0.89
C ARG A 212 20.13 45.24 0.47
N ARG A 213 18.94 44.71 0.49
CA ARG A 213 18.18 44.60 1.73
C ARG A 213 18.73 43.47 2.64
N SER A 214 19.12 42.36 2.07
CA SER A 214 19.78 41.34 2.88
C SER A 214 21.04 41.93 3.51
N VAL A 215 21.73 42.82 2.78
CA VAL A 215 22.91 43.53 3.32
C VAL A 215 22.56 44.43 4.53
N GLU A 216 21.42 45.12 4.52
CA GLU A 216 21.02 45.95 5.68
C GLU A 216 20.74 45.06 6.88
N ILE A 217 19.99 43.98 6.64
CA ILE A 217 19.58 43.10 7.76
C ILE A 217 20.79 42.38 8.40
N CYS A 218 21.73 41.91 7.58
CA CYS A 218 22.90 41.19 8.08
C CYS A 218 24.03 42.13 8.43
N GLN A 219 23.80 43.43 8.23
CA GLN A 219 24.81 44.44 8.56
C GLN A 219 26.21 44.19 7.99
N PHE A 220 26.27 43.77 6.73
CA PHE A 220 27.54 43.57 6.03
C PHE A 220 28.23 44.93 5.69
N THR A 221 29.55 44.99 5.84
CA THR A 221 30.33 46.19 5.55
C THR A 221 31.66 45.73 4.97
N GLN A 222 32.65 46.62 4.90
CA GLN A 222 33.99 46.23 4.45
C GLN A 222 34.68 45.27 5.43
N GLN A 223 34.15 45.15 6.65
CA GLN A 223 34.70 44.22 7.67
C GLN A 223 34.26 42.75 7.42
N THR A 224 33.15 42.58 6.71
CA THR A 224 32.65 41.27 6.44
C THR A 224 33.70 40.41 5.74
N ARG A 225 33.94 39.25 6.32
CA ARG A 225 34.78 38.24 5.72
C ARG A 225 33.95 36.97 5.74
N TYR A 226 33.48 36.59 4.55
CA TYR A 226 32.39 35.66 4.36
C TYR A 226 32.88 34.37 3.73
N LEU A 227 32.72 33.25 4.42
CA LEU A 227 33.11 31.96 3.86
C LEU A 227 31.98 31.43 3.01
N CYS A 228 32.27 31.24 1.73
CA CYS A 228 31.30 30.65 0.81
C CYS A 228 31.75 29.23 0.56
N ALA A 229 31.11 28.30 1.25
CA ALA A 229 31.54 26.91 1.23
C ALA A 229 30.51 26.00 0.61
N ILE A 230 29.24 26.38 0.71
CA ILE A 230 28.20 25.67 0.01
C ILE A 230 28.34 26.05 -1.48
N PRO A 231 27.67 25.33 -2.38
CA PRO A 231 27.76 25.67 -3.83
C PRO A 231 27.45 27.11 -4.12
N ALA A 232 28.44 27.79 -4.70
CA ALA A 232 28.48 29.23 -4.77
C ALA A 232 27.44 29.84 -5.65
N ALA A 233 26.94 29.07 -6.62
CA ALA A 233 25.97 29.56 -7.58
C ALA A 233 24.50 29.40 -7.16
N HIS A 234 24.25 28.84 -5.98
CA HIS A 234 22.90 28.74 -5.42
C HIS A 234 22.51 30.08 -4.79
N GLY A 235 21.23 30.43 -4.78
CA GLY A 235 20.78 31.77 -4.35
C GLY A 235 21.11 32.17 -2.91
N TYR A 236 21.05 31.20 -2.00
CA TYR A 236 21.46 31.38 -0.64
C TYR A 236 22.92 31.84 -0.56
N ALA A 237 23.79 31.24 -1.38
CA ALA A 237 25.19 31.61 -1.36
C ALA A 237 25.49 32.86 -2.15
N MET A 238 24.58 33.22 -3.01
CA MET A 238 24.85 34.30 -3.93
C MET A 238 24.24 35.64 -3.46
N SER A 239 23.06 35.61 -2.83
CA SER A 239 22.29 36.85 -2.65
C SER A 239 21.52 37.02 -1.33
N SER A 240 21.78 36.14 -0.35
CA SER A 240 21.02 36.18 0.87
C SER A 240 21.84 36.24 2.16
N PRO A 241 22.78 37.22 2.29
CA PRO A 241 23.15 38.24 1.34
C PRO A 241 24.14 37.73 0.34
N GLY A 242 24.84 36.66 0.71
CA GLY A 242 25.70 35.90 -0.19
C GLY A 242 26.91 36.71 -0.69
N SER A 243 27.66 36.14 -1.64
CA SER A 243 28.80 36.78 -2.20
C SER A 243 28.50 38.16 -2.83
N LEU A 244 27.33 38.30 -3.43
CA LEU A 244 27.00 39.56 -4.05
C LEU A 244 26.79 40.64 -2.99
N GLY A 245 26.16 40.29 -1.88
CA GLY A 245 26.02 41.22 -0.73
C GLY A 245 27.39 41.59 -0.15
N VAL A 246 28.33 40.67 -0.22
CA VAL A 246 29.65 40.95 0.27
C VAL A 246 30.34 41.97 -0.64
N PHE A 247 30.24 41.72 -1.93
CA PHE A 247 30.76 42.62 -2.92
C PHE A 247 30.13 44.01 -2.78
N LEU A 248 28.81 44.04 -2.67
CA LEU A 248 28.13 45.30 -2.50
C LEU A 248 28.77 46.09 -1.39
N ALA A 249 28.92 45.43 -0.24
CA ALA A 249 29.46 46.03 0.97
C ALA A 249 30.97 46.24 0.90
N GLY A 250 31.63 45.72 -0.11
CA GLY A 250 33.10 45.89 -0.21
C GLY A 250 33.90 44.99 0.71
N GLY A 251 33.29 43.88 1.16
CA GLY A 251 33.97 42.93 2.00
C GLY A 251 34.84 41.91 1.27
N THR A 252 35.03 40.77 1.90
CA THR A 252 35.80 39.71 1.28
C THR A 252 35.11 38.37 1.35
N VAL A 253 35.13 37.71 0.22
CA VAL A 253 34.58 36.37 0.07
C VAL A 253 35.71 35.38 0.08
N VAL A 254 35.64 34.42 0.99
CA VAL A 254 36.56 33.30 1.04
C VAL A 254 35.84 32.05 0.48
N LEU A 255 36.39 31.48 -0.60
CA LEU A 255 35.86 30.30 -1.19
C LEU A 255 36.46 29.02 -0.62
N ALA A 256 35.59 28.05 -0.37
CA ALA A 256 35.93 26.70 0.04
C ALA A 256 35.24 25.78 -0.96
N ALA A 257 35.84 24.66 -1.31
CA ALA A 257 35.23 23.71 -2.28
C ALA A 257 33.98 23.07 -1.69
N ASP A 258 34.00 22.81 -0.37
CA ASP A 258 32.88 22.19 0.31
C ASP A 258 32.79 22.60 1.78
N PRO A 259 31.67 22.29 2.43
CA PRO A 259 31.46 22.73 3.80
C PRO A 259 32.08 21.83 4.88
N SER A 260 33.01 20.94 4.51
CA SER A 260 33.66 20.11 5.54
C SER A 260 34.49 20.95 6.53
N ALA A 261 34.39 20.58 7.80
CA ALA A 261 35.23 21.13 8.83
C ALA A 261 36.71 21.04 8.46
N THR A 262 37.11 19.93 7.82
CA THR A 262 38.50 19.73 7.43
C THR A 262 39.05 20.89 6.61
N LEU A 263 38.24 21.42 5.71
CA LEU A 263 38.62 22.48 4.80
C LEU A 263 38.36 23.84 5.45
N CYS A 264 37.20 23.96 6.09
CA CYS A 264 36.69 25.23 6.53
C CYS A 264 37.20 25.74 7.86
N PHE A 265 37.45 24.84 8.81
CA PHE A 265 37.98 25.26 10.12
C PHE A 265 39.28 26.04 9.94
N PRO A 266 40.21 25.49 9.15
CA PRO A 266 41.43 26.21 8.85
C PRO A 266 41.27 27.53 8.10
N LEU A 267 40.39 27.55 7.09
CA LEU A 267 40.17 28.78 6.33
C LEU A 267 39.59 29.86 7.22
N ILE A 268 38.78 29.47 8.21
CA ILE A 268 38.11 30.46 9.06
C ILE A 268 39.09 31.17 9.99
N GLU A 269 40.06 30.41 10.47
CA GLU A 269 41.09 30.91 11.37
C GLU A 269 42.10 31.73 10.59
N LYS A 270 42.62 31.17 9.51
CA LYS A 270 43.61 31.83 8.64
C LYS A 270 43.17 33.20 8.17
N HIS A 271 41.97 33.28 7.61
CA HIS A 271 41.43 34.51 7.04
C HIS A 271 40.55 35.31 8.01
N GLN A 272 40.38 34.85 9.25
CA GLN A 272 39.57 35.59 10.23
C GLN A 272 38.14 35.79 9.74
N VAL A 273 37.54 34.75 9.20
CA VAL A 273 36.17 34.77 8.73
C VAL A 273 35.23 35.11 9.88
N ASN A 274 34.24 35.99 9.60
CA ASN A 274 33.27 36.39 10.61
C ASN A 274 31.82 36.08 10.27
N VAL A 275 31.54 35.66 9.04
CA VAL A 275 30.22 35.11 8.73
C VAL A 275 30.28 34.01 7.72
N THR A 276 29.38 33.05 7.86
CA THR A 276 29.26 32.00 6.85
C THR A 276 27.83 31.47 6.81
N ALA A 277 27.58 30.62 5.82
CA ALA A 277 26.26 30.09 5.54
C ALA A 277 26.36 28.63 5.33
N LEU A 278 25.50 27.91 6.03
CA LEU A 278 25.55 26.46 6.04
C LEU A 278 24.11 25.96 5.96
N VAL A 279 24.00 24.66 5.69
CA VAL A 279 22.72 23.94 5.82
C VAL A 279 22.82 23.11 7.09
N PRO A 280 21.67 22.60 7.61
CA PRO A 280 21.67 21.91 8.92
C PRO A 280 22.68 20.78 9.13
N PRO A 281 22.81 19.85 8.16
CA PRO A 281 23.75 18.73 8.37
C PRO A 281 25.17 19.21 8.52
N ALA A 282 25.53 20.29 7.82
CA ALA A 282 26.90 20.82 7.94
C ALA A 282 27.11 21.39 9.33
N VAL A 283 26.06 21.99 9.90
CA VAL A 283 26.12 22.40 11.28
C VAL A 283 26.40 21.21 12.20
N SER A 284 25.66 20.09 12.01
CA SER A 284 25.87 18.94 12.89
C SER A 284 27.29 18.42 12.77
N LEU A 285 27.77 18.35 11.55
CA LEU A 285 29.08 17.79 11.28
C LEU A 285 30.16 18.66 11.89
N TRP A 286 29.93 19.97 11.92
CA TRP A 286 30.86 20.92 12.54
C TRP A 286 30.92 20.70 14.06
N LEU A 287 29.75 20.64 14.65
CA LEU A 287 29.61 20.45 16.10
C LEU A 287 30.22 19.13 16.58
N GLN A 288 30.09 18.11 15.75
CA GLN A 288 30.64 16.82 16.04
C GLN A 288 32.15 16.82 15.83
N ALA A 289 32.65 17.56 14.85
CA ALA A 289 34.09 17.66 14.70
C ALA A 289 34.70 18.26 15.94
N LEU A 290 34.05 19.32 16.49
CA LEU A 290 34.54 19.96 17.73
C LEU A 290 34.55 18.95 18.88
N ILE A 291 33.48 18.18 18.99
CA ILE A 291 33.37 17.13 19.98
C ILE A 291 34.44 16.07 19.78
N GLU A 292 34.84 15.83 18.55
CA GLU A 292 35.95 14.90 18.29
C GLU A 292 37.32 15.56 18.50
N GLY A 293 37.34 16.78 19.04
CA GLY A 293 38.56 17.45 19.47
C GLY A 293 39.16 18.56 18.61
N GLU A 294 38.44 19.07 17.60
CA GLU A 294 38.96 20.25 16.88
C GLU A 294 38.90 21.41 17.88
N SER A 295 39.91 22.29 17.90
CA SER A 295 39.85 23.42 18.83
C SER A 295 38.83 24.40 18.40
N ARG A 296 37.90 24.67 19.30
CA ARG A 296 36.88 25.70 19.17
C ARG A 296 37.49 27.07 18.77
N ALA A 297 38.73 27.37 19.16
CA ALA A 297 39.36 28.67 18.90
C ALA A 297 39.60 28.97 17.41
N GLN A 298 39.63 27.92 16.58
CA GLN A 298 39.74 28.12 15.12
C GLN A 298 38.55 28.93 14.62
N LEU A 299 37.46 28.92 15.41
CA LEU A 299 36.21 29.56 15.04
C LEU A 299 35.96 30.86 15.79
N ALA A 300 36.99 31.38 16.46
CA ALA A 300 36.79 32.50 17.39
C ALA A 300 36.26 33.73 16.65
N SER A 301 36.87 34.04 15.50
CA SER A 301 36.50 35.18 14.66
C SER A 301 35.10 35.16 14.10
N LEU A 302 34.47 34.00 14.14
CA LEU A 302 33.08 33.83 13.67
C LEU A 302 32.09 34.58 14.55
N LYS A 303 31.30 35.45 13.95
CA LYS A 303 30.29 36.25 14.67
C LYS A 303 28.88 35.92 14.24
N LEU A 304 28.71 35.52 12.98
CA LEU A 304 27.39 35.17 12.47
C LEU A 304 27.44 33.91 11.63
N LEU A 305 26.57 32.96 11.98
CA LEU A 305 26.39 31.74 11.23
C LEU A 305 24.97 31.71 10.72
N GLN A 306 24.78 31.76 9.41
CA GLN A 306 23.43 31.60 8.86
C GLN A 306 23.16 30.13 8.67
N VAL A 307 21.93 29.70 8.91
CA VAL A 307 21.52 28.36 8.59
C VAL A 307 20.19 28.39 7.83
N GLY A 308 20.17 27.75 6.68
CA GLY A 308 18.96 27.66 5.90
C GLY A 308 19.02 26.55 4.86
N GLY A 309 18.10 26.60 3.93
CA GLY A 309 17.91 25.52 2.95
C GLY A 309 16.89 24.48 3.41
N ALA A 310 16.95 24.12 4.67
CA ALA A 310 16.03 23.17 5.30
C ALA A 310 15.86 23.61 6.73
N ARG A 311 14.90 22.99 7.41
CA ARG A 311 14.58 23.38 8.79
C ARG A 311 15.66 22.96 9.80
N LEU A 312 16.13 23.94 10.54
CA LEU A 312 17.01 23.75 11.68
C LEU A 312 16.18 23.42 12.90
N SER A 313 16.45 22.27 13.51
CA SER A 313 15.76 21.90 14.74
C SER A 313 16.21 22.86 15.85
N ALA A 314 15.31 23.11 16.78
CA ALA A 314 15.57 23.96 17.94
C ALA A 314 16.74 23.42 18.76
N THR A 315 16.77 22.10 18.91
CA THR A 315 17.85 21.44 19.64
C THR A 315 19.18 21.85 19.02
N LEU A 316 19.27 21.66 17.69
CA LEU A 316 20.51 21.93 16.95
C LEU A 316 20.85 23.41 16.99
N ALA A 317 19.85 24.25 16.76
CA ALA A 317 20.01 25.68 16.87
C ALA A 317 20.64 26.17 18.17
N ALA A 318 20.11 25.70 19.29
CA ALA A 318 20.60 26.18 20.62
C ALA A 318 22.07 25.84 20.85
N ARG A 319 22.55 24.75 20.21
CA ARG A 319 23.94 24.34 20.36
C ARG A 319 24.89 25.31 19.69
N ILE A 320 24.40 26.17 18.79
CA ILE A 320 25.31 27.06 18.08
C ILE A 320 25.97 28.13 18.97
N PRO A 321 25.18 28.91 19.72
CA PRO A 321 25.85 29.85 20.58
C PRO A 321 26.63 29.14 21.65
N ALA A 322 26.03 28.11 22.21
CA ALA A 322 26.70 27.30 23.25
C ALA A 322 28.06 26.71 22.79
N GLU A 323 28.06 25.91 21.73
CA GLU A 323 29.23 25.14 21.34
C GLU A 323 30.15 25.84 20.29
N ILE A 324 29.62 26.79 19.53
CA ILE A 324 30.44 27.57 18.61
C ILE A 324 30.65 29.02 19.08
N GLY A 325 29.71 29.58 19.82
CA GLY A 325 29.92 30.93 20.39
C GLY A 325 29.78 32.09 19.42
N CYS A 326 29.12 31.86 18.29
CA CYS A 326 28.68 32.94 17.41
C CYS A 326 27.13 33.08 17.48
N GLN A 327 26.60 34.12 16.89
CA GLN A 327 25.16 34.19 16.74
C GLN A 327 24.65 33.35 15.55
N LEU A 328 23.42 32.86 15.71
CA LEU A 328 22.68 32.17 14.68
C LEU A 328 21.78 33.15 13.91
N GLN A 329 21.63 32.90 12.62
CA GLN A 329 20.55 33.51 11.90
C GLN A 329 19.89 32.44 11.07
N GLN A 330 18.58 32.28 11.24
CA GLN A 330 17.88 31.32 10.44
C GLN A 330 17.46 31.98 9.15
N VAL A 331 17.59 31.25 8.05
CA VAL A 331 17.27 31.83 6.74
C VAL A 331 16.39 30.87 6.00
N PHE A 332 15.16 31.28 5.74
CA PHE A 332 14.18 30.49 5.02
C PHE A 332 13.81 31.26 3.76
N GLY A 333 14.47 30.89 2.66
CA GLY A 333 14.24 31.54 1.41
C GLY A 333 13.99 30.54 0.30
N MET A 334 13.77 31.09 -0.88
CA MET A 334 13.52 30.30 -2.09
C MET A 334 13.98 31.08 -3.29
N ALA A 335 14.49 30.35 -4.26
CA ALA A 335 14.99 30.91 -5.52
C ALA A 335 13.92 31.75 -6.24
N GLU A 336 12.68 31.34 -6.09
CA GLU A 336 11.54 32.08 -6.65
C GLU A 336 11.43 33.49 -6.10
N GLY A 337 11.99 33.73 -4.90
CA GLY A 337 11.95 35.04 -4.29
C GLY A 337 12.08 35.13 -2.78
N LEU A 338 10.95 35.38 -2.12
CA LEU A 338 10.87 35.51 -0.64
C LEU A 338 12.00 34.87 0.17
N VAL A 339 12.64 35.69 1.00
CA VAL A 339 13.55 35.24 1.97
C VAL A 339 13.13 35.83 3.31
N ASN A 340 12.92 34.96 4.27
CA ASN A 340 12.68 35.35 5.65
C ASN A 340 13.96 35.19 6.45
N TYR A 341 14.19 36.13 7.36
CA TYR A 341 15.38 36.14 8.21
C TYR A 341 14.95 36.30 9.64
N THR A 342 15.65 35.66 10.56
CA THR A 342 15.63 36.14 11.94
C THR A 342 16.60 37.35 11.96
N ARG A 343 16.36 38.32 12.82
CA ARG A 343 17.19 39.53 12.86
C ARG A 343 18.30 39.38 13.91
N LEU A 344 19.34 40.21 13.80
CA LEU A 344 20.48 40.14 14.72
C LEU A 344 20.14 40.64 16.13
N ASP A 345 19.06 41.38 16.25
CA ASP A 345 18.58 41.85 17.56
C ASP A 345 17.31 41.12 18.03
N ASP A 346 16.96 40.00 17.40
CA ASP A 346 15.81 39.23 17.80
C ASP A 346 16.16 38.54 19.12
N SER A 347 15.14 38.23 19.91
CA SER A 347 15.30 37.41 21.12
C SER A 347 15.81 35.98 20.78
N ALA A 348 16.45 35.30 21.74
CA ALA A 348 16.86 33.90 21.57
C ALA A 348 15.65 33.00 21.22
N GLU A 349 14.48 33.34 21.75
CA GLU A 349 13.31 32.53 21.48
C GLU A 349 12.95 32.49 20.00
N LYS A 350 13.09 33.61 19.32
CA LYS A 350 12.69 33.69 17.91
C LYS A 350 13.74 33.10 16.99
N ILE A 351 15.02 33.21 17.39
CA ILE A 351 16.13 32.76 16.61
C ILE A 351 16.27 31.25 16.64
N ILE A 352 15.91 30.65 17.78
CA ILE A 352 16.04 29.21 18.00
C ILE A 352 14.85 28.45 17.45
N HIS A 353 13.66 29.02 17.59
CA HIS A 353 12.40 28.29 17.31
C HIS A 353 11.63 28.69 16.03
N THR A 354 11.99 29.81 15.39
CA THR A 354 11.34 30.21 14.14
C THR A 354 12.28 30.43 12.97
N GLN A 355 11.68 30.61 11.80
CA GLN A 355 12.45 30.93 10.60
C GLN A 355 12.27 32.39 10.23
N GLY A 356 11.99 33.24 11.21
CA GLY A 356 12.04 34.67 11.01
C GLY A 356 10.85 35.24 10.28
N TYR A 357 11.04 36.38 9.62
CA TYR A 357 9.93 37.02 8.84
C TYR A 357 10.48 37.71 7.60
N PRO A 358 9.61 38.17 6.67
CA PRO A 358 10.14 38.59 5.38
C PRO A 358 11.11 39.76 5.44
N MET A 359 12.07 39.78 4.51
CA MET A 359 13.05 40.86 4.48
C MET A 359 12.38 42.19 4.15
N CYS A 360 11.32 42.15 3.37
CA CYS A 360 10.67 43.39 2.92
C CYS A 360 9.34 43.63 3.61
N PRO A 361 9.04 44.90 4.00
CA PRO A 361 7.73 45.20 4.64
C PRO A 361 6.57 44.95 3.70
N ASP A 362 6.83 45.04 2.41
CA ASP A 362 5.84 44.77 1.35
C ASP A 362 5.98 43.40 0.70
N ASP A 363 6.77 42.51 1.30
CA ASP A 363 6.56 41.11 1.08
C ASP A 363 5.17 40.85 1.70
N GLU A 364 4.26 40.34 0.91
CA GLU A 364 2.93 39.94 1.38
C GLU A 364 2.90 38.42 1.50
N VAL A 365 2.56 37.93 2.68
CA VAL A 365 2.54 36.51 2.96
C VAL A 365 1.27 36.16 3.70
N TRP A 366 0.46 35.26 3.16
CA TRP A 366 -0.69 34.73 3.93
C TRP A 366 -0.68 33.22 3.92
N VAL A 367 -1.57 32.61 4.70
CA VAL A 367 -1.62 31.17 4.81
C VAL A 367 -2.94 30.61 4.32
N ALA A 368 -2.90 29.76 3.31
CA ALA A 368 -4.10 29.30 2.61
C ALA A 368 -4.41 27.88 3.00
N ASP A 369 -5.70 27.54 3.03
CA ASP A 369 -6.13 26.16 3.21
C ASP A 369 -6.17 25.46 1.83
N ALA A 370 -6.62 24.21 1.83
CA ALA A 370 -6.62 23.35 0.65
C ALA A 370 -7.28 23.98 -0.58
N GLU A 371 -8.26 24.86 -0.38
CA GLU A 371 -9.00 25.43 -1.52
C GLU A 371 -8.84 26.95 -1.70
N GLY A 372 -7.74 27.51 -1.21
CA GLY A 372 -7.37 28.89 -1.50
C GLY A 372 -7.85 29.95 -0.52
N ASN A 373 -8.40 29.55 0.62
CA ASN A 373 -8.94 30.54 1.58
C ASN A 373 -7.97 30.91 2.71
N PRO A 374 -7.89 32.20 3.08
CA PRO A 374 -6.92 32.54 4.13
C PRO A 374 -7.29 31.91 5.46
N LEU A 375 -6.28 31.49 6.21
CA LEU A 375 -6.47 30.91 7.51
C LEU A 375 -6.07 31.95 8.54
N PRO A 376 -6.70 31.95 9.71
CA PRO A 376 -6.25 32.87 10.73
C PRO A 376 -4.89 32.47 11.30
N GLN A 377 -4.27 33.43 12.00
CA GLN A 377 -2.90 33.27 12.38
C GLN A 377 -2.80 32.17 13.39
N GLY A 378 -1.72 31.43 13.35
CA GLY A 378 -1.57 30.30 14.26
C GLY A 378 -1.91 28.98 13.56
N GLU A 379 -2.82 29.02 12.57
CA GLU A 379 -3.16 27.86 11.78
C GLU A 379 -2.13 27.51 10.73
N VAL A 380 -2.06 26.21 10.40
CA VAL A 380 -1.03 25.66 9.49
C VAL A 380 -1.59 25.48 8.11
N GLY A 381 -0.93 26.08 7.13
CA GLY A 381 -1.38 25.99 5.76
C GLY A 381 -0.33 26.31 4.74
N ARG A 382 -0.76 26.49 3.50
CA ARG A 382 0.10 26.74 2.38
C ARG A 382 0.57 28.18 2.35
N LEU A 383 1.88 28.34 2.17
CA LEU A 383 2.50 29.64 2.07
C LEU A 383 2.14 30.26 0.75
N MET A 384 1.51 31.44 0.78
CA MET A 384 1.19 32.20 -0.43
C MET A 384 1.90 33.54 -0.35
N THR A 385 2.56 33.97 -1.43
CA THR A 385 3.32 35.20 -1.36
C THR A 385 3.52 35.94 -2.67
N ARG A 386 3.67 37.25 -2.53
CA ARG A 386 4.13 38.13 -3.61
C ARG A 386 4.85 39.37 -3.00
N GLY A 387 5.70 40.02 -3.79
CA GLY A 387 6.49 41.12 -3.31
C GLY A 387 7.48 41.64 -4.35
N PRO A 388 8.28 42.65 -3.96
CA PRO A 388 9.15 43.33 -4.91
C PRO A 388 10.29 42.49 -5.49
N TYR A 389 10.62 41.33 -4.92
CA TYR A 389 11.68 40.50 -5.51
C TYR A 389 11.21 39.05 -5.67
N THR A 390 9.91 38.83 -5.76
CA THR A 390 9.39 37.50 -5.95
C THR A 390 8.82 37.46 -7.37
N PHE A 391 9.24 36.45 -8.13
CA PHE A 391 8.86 36.35 -9.55
C PHE A 391 7.35 36.25 -9.79
N ARG A 392 6.95 36.48 -11.02
CA ARG A 392 5.56 36.37 -11.46
C ARG A 392 5.37 35.25 -12.49
N GLY A 393 6.41 34.48 -12.76
CA GLY A 393 6.25 33.34 -13.63
C GLY A 393 7.56 32.72 -13.94
N TYR A 394 7.56 31.41 -14.14
CA TYR A 394 8.74 30.68 -14.59
C TYR A 394 8.97 30.98 -16.07
N TYR A 395 10.19 30.79 -16.57
CA TYR A 395 10.50 31.03 -17.99
C TYR A 395 9.75 30.05 -18.90
N LYS A 396 9.14 30.59 -19.96
CA LYS A 396 8.44 29.79 -20.98
C LYS A 396 7.76 28.57 -20.39
N SER A 397 6.87 28.80 -19.43
CA SER A 397 6.15 27.73 -18.70
C SER A 397 4.70 28.06 -18.44
N PRO A 398 3.95 28.37 -19.52
CA PRO A 398 2.52 28.81 -19.40
C PRO A 398 1.68 27.79 -18.63
N GLN A 399 1.92 26.50 -18.89
CA GLN A 399 1.13 25.43 -18.31
C GLN A 399 1.36 25.42 -16.79
N HIS A 400 2.62 25.34 -16.39
CA HIS A 400 2.94 25.25 -14.98
C HIS A 400 2.62 26.55 -14.26
N ASN A 401 2.82 27.66 -14.96
CA ASN A 401 2.54 28.97 -14.37
C ASN A 401 1.09 29.16 -14.02
N ALA A 402 0.22 28.53 -14.79
CA ALA A 402 -1.20 28.63 -14.52
C ALA A 402 -1.52 28.01 -13.14
N SER A 403 -0.88 26.89 -12.84
CA SER A 403 -1.04 26.21 -11.55
C SER A 403 -0.27 26.82 -10.38
N ALA A 404 0.87 27.46 -10.64
CA ALA A 404 1.71 27.94 -9.56
C ALA A 404 1.29 29.28 -8.93
N PHE A 405 0.50 30.10 -9.62
CA PHE A 405 0.07 31.40 -9.10
C PHE A 405 -1.48 31.46 -9.06
N ASP A 406 -2.04 32.10 -8.04
CA ASP A 406 -3.48 32.39 -8.01
C ASP A 406 -3.82 33.59 -8.93
N ALA A 407 -5.09 33.94 -9.02
CA ALA A 407 -5.56 34.99 -9.93
C ALA A 407 -4.95 36.36 -9.63
N ASN A 408 -4.67 36.61 -8.34
CA ASN A 408 -4.08 37.87 -7.84
C ASN A 408 -2.56 37.98 -7.93
N GLY A 409 -1.89 36.94 -8.44
CA GLY A 409 -0.44 36.98 -8.60
C GLY A 409 0.37 36.42 -7.42
N PHE A 410 -0.31 35.83 -6.43
CA PHE A 410 0.37 35.21 -5.32
C PHE A 410 0.95 33.87 -5.75
N TYR A 411 2.23 33.68 -5.41
CA TYR A 411 2.93 32.40 -5.63
C TYR A 411 2.79 31.45 -4.44
N CYS A 412 2.46 30.20 -4.68
CA CYS A 412 2.40 29.18 -3.62
C CYS A 412 3.72 28.44 -3.56
N SER A 413 4.43 28.53 -2.45
CA SER A 413 5.75 27.90 -2.36
C SER A 413 5.73 26.39 -2.20
N GLY A 414 4.56 25.84 -1.91
CA GLY A 414 4.45 24.40 -1.62
C GLY A 414 4.83 24.04 -0.23
N ASP A 415 5.16 25.05 0.57
CA ASP A 415 5.51 24.88 1.95
C ASP A 415 4.28 24.99 2.80
N LEU A 416 4.25 24.25 3.92
CA LEU A 416 3.26 24.43 4.96
C LEU A 416 3.85 25.21 6.11
N ILE A 417 3.20 26.32 6.48
CA ILE A 417 3.72 27.17 7.53
C ILE A 417 2.61 27.58 8.47
N SER A 418 3.03 28.07 9.64
CA SER A 418 2.15 28.83 10.54
C SER A 418 2.91 30.11 10.88
N ILE A 419 2.13 31.12 11.24
CA ILE A 419 2.61 32.43 11.61
C ILE A 419 2.24 32.66 13.08
N ASP A 420 3.25 33.04 13.86
CA ASP A 420 3.18 33.58 15.25
C ASP A 420 2.26 34.77 15.42
N PRO A 421 1.85 35.04 16.65
CA PRO A 421 1.19 36.34 16.93
C PRO A 421 2.11 37.54 16.70
N GLU A 422 3.41 37.33 16.86
CA GLU A 422 4.40 38.38 16.64
C GLU A 422 4.77 38.53 15.18
N GLY A 423 4.25 37.67 14.31
CA GLY A 423 4.47 37.82 12.85
C GLY A 423 5.56 36.95 12.27
N TYR A 424 6.13 36.07 13.09
CA TYR A 424 7.18 35.19 12.67
C TYR A 424 6.62 33.90 12.06
N ILE A 425 7.38 33.31 11.14
CA ILE A 425 6.99 32.15 10.37
C ILE A 425 7.75 30.92 10.88
N THR A 426 7.02 29.79 11.01
CA THR A 426 7.61 28.51 11.34
C THR A 426 7.23 27.51 10.24
N VAL A 427 8.22 26.84 9.67
CA VAL A 427 7.96 25.88 8.60
C VAL A 427 7.53 24.61 9.26
N GLN A 428 6.33 24.12 8.89
CA GLN A 428 5.67 22.97 9.56
C GLN A 428 5.62 21.72 8.73
N GLY A 429 5.82 21.86 7.44
CA GLY A 429 5.84 20.71 6.54
C GLY A 429 5.84 21.15 5.09
N ARG A 430 5.38 20.25 4.24
CA ARG A 430 5.50 20.47 2.83
C ARG A 430 4.36 19.85 2.03
N GLU A 431 4.00 20.48 0.94
CA GLU A 431 2.96 19.96 0.08
C GLU A 431 3.61 19.55 -1.25
N LYS A 432 4.59 20.33 -1.71
CA LYS A 432 5.19 20.08 -3.02
C LYS A 432 5.92 18.73 -3.01
N ASP A 433 5.91 18.07 -4.16
CA ASP A 433 6.43 16.71 -4.28
C ASP A 433 7.95 16.73 -4.40
N GLN A 434 8.59 17.11 -3.29
CA GLN A 434 10.01 17.42 -3.29
C GLN A 434 10.74 16.81 -2.09
N ILE A 435 11.89 16.20 -2.31
CA ILE A 435 12.71 15.74 -1.21
C ILE A 435 13.78 16.81 -0.92
N ASN A 436 13.92 17.15 0.35
CA ASN A 436 14.90 18.14 0.81
C ASN A 436 15.99 17.37 1.54
N ARG A 437 17.00 16.97 0.75
CA ARG A 437 18.10 16.15 1.22
C ARG A 437 19.24 17.02 1.75
N GLY A 438 19.17 17.33 3.03
CA GLY A 438 20.16 18.17 3.67
C GLY A 438 20.26 19.56 3.06
N GLY A 439 19.13 20.06 2.55
CA GLY A 439 19.06 21.35 1.87
C GLY A 439 18.99 21.33 0.37
N GLU A 440 19.49 20.24 -0.23
CA GLU A 440 19.46 20.06 -1.67
C GLU A 440 18.12 19.44 -2.12
N LYS A 441 17.54 20.00 -3.16
CA LYS A 441 16.18 19.72 -3.57
C LYS A 441 16.12 18.71 -4.71
N ILE A 442 15.21 17.74 -4.57
CA ILE A 442 15.05 16.69 -5.52
C ILE A 442 13.61 16.64 -5.87
N ALA A 443 13.29 16.94 -7.12
CA ALA A 443 11.94 16.74 -7.63
C ALA A 443 11.70 15.24 -7.86
N ALA A 444 10.81 14.68 -7.06
CA ALA A 444 10.45 13.28 -7.10
C ALA A 444 9.91 12.78 -8.45
N GLU A 445 9.16 13.63 -9.13
CA GLU A 445 8.60 13.29 -10.43
C GLU A 445 9.69 13.09 -11.46
N GLU A 446 10.72 13.92 -11.39
CA GLU A 446 11.89 13.77 -12.25
C GLU A 446 12.54 12.39 -12.11
N ILE A 447 12.76 11.97 -10.87
CA ILE A 447 13.44 10.70 -10.62
C ILE A 447 12.54 9.51 -10.89
N GLU A 448 11.26 9.67 -10.60
CA GLU A 448 10.27 8.66 -10.90
C GLU A 448 10.17 8.40 -12.41
N ASN A 449 10.15 9.45 -13.20
CA ASN A 449 10.09 9.25 -14.63
C ASN A 449 11.31 8.53 -15.11
N LEU A 450 12.47 8.86 -14.57
CA LEU A 450 13.68 8.17 -14.96
C LEU A 450 13.61 6.69 -14.56
N LEU A 451 13.11 6.41 -13.36
CA LEU A 451 13.02 5.05 -12.88
C LEU A 451 12.09 4.19 -13.78
N LEU A 452 10.99 4.77 -14.28
CA LEU A 452 10.02 3.99 -15.09
C LEU A 452 10.60 3.56 -16.46
N ARG A 453 11.62 4.29 -16.91
CA ARG A 453 12.38 3.91 -18.09
C ARG A 453 13.18 2.61 -17.94
N HIS A 454 13.43 2.16 -16.70
CA HIS A 454 14.07 0.89 -16.49
C HIS A 454 13.11 -0.21 -16.98
N PRO A 455 13.63 -1.18 -17.77
CA PRO A 455 12.85 -2.26 -18.39
C PRO A 455 12.05 -3.04 -17.40
N ALA A 456 12.54 -3.07 -16.18
CA ALA A 456 12.04 -3.95 -15.14
C ALA A 456 11.10 -3.25 -14.19
N VAL A 457 11.10 -1.92 -14.23
CA VAL A 457 10.27 -1.12 -13.31
C VAL A 457 8.89 -0.85 -13.93
N ILE A 458 7.86 -1.28 -13.21
CA ILE A 458 6.48 -1.09 -13.60
C ILE A 458 5.91 0.18 -12.94
N TYR A 459 5.99 0.26 -11.61
CA TYR A 459 5.58 1.46 -10.90
C TYR A 459 6.73 1.95 -10.02
N ALA A 460 6.75 3.25 -9.76
CA ALA A 460 7.82 3.88 -8.97
C ALA A 460 7.33 5.04 -8.13
N ALA A 461 7.75 5.06 -6.88
CA ALA A 461 7.52 6.20 -6.00
C ALA A 461 8.79 6.53 -5.25
N LEU A 462 9.13 7.82 -5.26
CA LEU A 462 10.24 8.37 -4.51
C LEU A 462 9.71 9.16 -3.34
N VAL A 463 10.06 8.79 -2.11
CA VAL A 463 9.54 9.52 -0.94
C VAL A 463 10.67 9.83 0.00
N SER A 464 10.52 10.89 0.80
CA SER A 464 11.55 11.21 1.79
C SER A 464 11.39 10.28 2.97
N MET A 465 12.49 10.05 3.67
CA MET A 465 12.43 9.35 4.92
C MET A 465 13.28 10.16 5.90
N GLU A 466 12.85 10.19 7.16
CA GLU A 466 13.58 10.87 8.24
C GLU A 466 15.02 10.32 8.27
N ASP A 467 15.99 11.21 8.44
CA ASP A 467 17.43 10.85 8.61
C ASP A 467 18.04 11.87 9.57
N GLU A 468 18.73 11.39 10.59
CA GLU A 468 19.15 12.30 11.66
C GLU A 468 20.11 13.37 11.11
N LEU A 469 21.14 12.95 10.36
CA LEU A 469 22.11 13.89 9.80
C LEU A 469 21.50 14.82 8.71
N MET A 470 20.96 14.19 7.66
CA MET A 470 20.51 14.89 6.47
C MET A 470 19.09 15.46 6.56
N GLY A 471 18.34 15.13 7.61
CA GLY A 471 16.95 15.55 7.74
C GLY A 471 16.03 14.63 6.95
N GLU A 472 16.30 14.55 5.66
CA GLU A 472 15.61 13.65 4.78
C GLU A 472 16.66 12.97 3.89
N LYS A 473 16.44 11.68 3.65
CA LYS A 473 17.13 10.92 2.61
C LYS A 473 16.03 10.43 1.67
N SER A 474 16.42 9.83 0.54
CA SER A 474 15.45 9.41 -0.44
C SER A 474 15.38 7.89 -0.53
N CYS A 475 14.18 7.41 -0.79
CA CYS A 475 13.94 6.00 -0.91
C CYS A 475 13.07 5.80 -2.12
N ALA A 476 13.48 4.88 -2.98
CA ALA A 476 12.70 4.56 -4.15
C ALA A 476 11.99 3.22 -3.92
N TYR A 477 10.66 3.29 -3.94
CA TYR A 477 9.80 2.13 -3.85
C TYR A 477 9.42 1.73 -5.26
N LEU A 478 9.68 0.49 -5.62
CA LEU A 478 9.50 0.05 -6.99
C LEU A 478 8.65 -1.20 -7.03
N VAL A 479 7.78 -1.28 -8.02
CA VAL A 479 7.12 -2.52 -8.32
C VAL A 479 7.76 -3.02 -9.59
N VAL A 480 8.32 -4.23 -9.53
CA VAL A 480 9.20 -4.74 -10.58
C VAL A 480 8.80 -6.10 -11.16
N LYS A 481 9.21 -6.35 -12.40
CA LYS A 481 9.02 -7.63 -13.10
C LYS A 481 9.99 -8.74 -12.69
N GLU A 482 11.11 -8.35 -12.10
CA GLU A 482 12.29 -9.23 -11.98
C GLU A 482 13.16 -8.76 -10.80
N PRO A 483 14.07 -9.63 -10.31
CA PRO A 483 15.02 -9.23 -9.24
C PRO A 483 15.68 -7.93 -9.59
N LEU A 484 15.66 -6.95 -8.66
CA LEU A 484 16.33 -5.64 -8.87
C LEU A 484 17.00 -5.07 -7.62
N ARG A 485 18.31 -5.00 -7.63
CA ARG A 485 19.03 -4.47 -6.48
C ARG A 485 19.25 -2.96 -6.58
N ALA A 486 19.38 -2.34 -5.40
CA ALA A 486 19.72 -0.91 -5.31
C ALA A 486 20.85 -0.50 -6.25
N VAL A 487 21.94 -1.27 -6.30
CA VAL A 487 23.08 -0.84 -7.13
C VAL A 487 22.74 -0.86 -8.62
N GLN A 488 21.78 -1.71 -9.02
CA GLN A 488 21.40 -1.72 -10.42
C GLN A 488 20.63 -0.44 -10.76
N VAL A 489 19.71 -0.06 -9.89
CA VAL A 489 18.95 1.18 -10.01
C VAL A 489 19.88 2.37 -10.02
N ARG A 490 20.81 2.42 -9.10
CA ARG A 490 21.71 3.55 -9.04
C ARG A 490 22.61 3.61 -10.29
N ARG A 491 23.13 2.47 -10.74
CA ARG A 491 23.99 2.50 -11.93
C ARG A 491 23.20 3.07 -13.13
N PHE A 492 21.98 2.55 -13.26
CA PHE A 492 21.07 2.92 -14.32
C PHE A 492 20.78 4.42 -14.28
N LEU A 493 20.43 4.95 -13.11
CA LEU A 493 20.09 6.37 -13.01
C LEU A 493 21.31 7.21 -13.32
N ARG A 494 22.47 6.73 -12.91
CA ARG A 494 23.66 7.44 -13.20
C ARG A 494 23.90 7.47 -14.72
N GLU A 495 23.49 6.42 -15.43
CA GLU A 495 23.68 6.35 -16.87
C GLU A 495 22.79 7.36 -17.57
N GLN A 496 21.55 7.52 -17.09
CA GLN A 496 20.68 8.60 -17.53
C GLN A 496 21.31 9.99 -17.36
N GLY A 497 22.35 10.08 -16.51
CA GLY A 497 23.18 11.25 -16.41
C GLY A 497 22.59 12.33 -15.51
N ILE A 498 22.26 11.97 -14.28
CA ILE A 498 21.77 12.95 -13.26
C ILE A 498 22.80 13.13 -12.18
N ALA A 499 22.64 14.18 -11.40
CA ALA A 499 23.53 14.50 -10.29
C ALA A 499 23.54 13.46 -9.19
N GLU A 500 24.68 13.28 -8.50
CA GLU A 500 24.81 12.20 -7.52
C GLU A 500 23.81 12.34 -6.37
N PHE A 501 23.63 13.52 -5.86
CA PHE A 501 22.73 13.67 -4.72
C PHE A 501 21.29 13.22 -5.02
N LYS A 502 20.95 13.03 -6.30
CA LYS A 502 19.64 12.56 -6.74
C LYS A 502 19.43 11.04 -6.84
N LEU A 503 20.48 10.29 -6.60
CA LEU A 503 20.39 8.84 -6.57
C LEU A 503 19.77 8.44 -5.24
N PRO A 504 18.75 7.60 -5.29
CA PRO A 504 18.12 7.13 -4.09
C PRO A 504 19.08 6.53 -3.07
N ASP A 505 18.95 6.98 -1.83
CA ASP A 505 19.75 6.48 -0.73
C ASP A 505 19.34 5.05 -0.44
N ARG A 506 18.07 4.76 -0.69
CA ARG A 506 17.54 3.46 -0.44
C ARG A 506 16.61 3.03 -1.57
N VAL A 507 16.66 1.76 -1.92
CA VAL A 507 15.72 1.20 -2.91
C VAL A 507 15.02 0.02 -2.28
N GLU A 508 13.72 -0.11 -2.53
CA GLU A 508 12.94 -1.24 -2.01
C GLU A 508 11.97 -1.74 -3.05
N CYS A 509 12.09 -3.02 -3.38
CA CYS A 509 11.13 -3.63 -4.25
C CYS A 509 9.97 -4.11 -3.39
N VAL A 510 8.77 -3.80 -3.84
CA VAL A 510 7.59 -4.15 -3.08
C VAL A 510 6.65 -4.86 -4.02
N ASP A 511 5.75 -5.66 -3.45
CA ASP A 511 4.88 -6.46 -4.28
C ASP A 511 3.86 -5.57 -4.91
N SER A 512 3.52 -4.47 -4.23
CA SER A 512 2.45 -3.57 -4.71
C SER A 512 2.63 -2.13 -4.24
N LEU A 513 2.08 -1.23 -5.02
CA LEU A 513 1.91 0.16 -4.63
C LEU A 513 0.51 0.62 -5.01
N PRO A 514 -0.10 1.44 -4.16
CA PRO A 514 -1.42 1.97 -4.46
C PRO A 514 -1.43 2.99 -5.61
N LEU A 515 -2.27 2.72 -6.62
CA LEU A 515 -2.67 3.71 -7.63
C LEU A 515 -4.05 4.30 -7.32
N VAL A 521 0.70 6.87 -8.55
CA VAL A 521 1.03 6.44 -7.18
C VAL A 521 0.56 7.39 -6.05
N ASP A 522 -0.27 6.88 -5.15
CA ASP A 522 -0.78 7.62 -4.01
C ASP A 522 0.23 7.59 -2.85
N LYS A 523 1.09 8.60 -2.82
CA LYS A 523 2.13 8.66 -1.81
C LYS A 523 1.58 8.88 -0.39
N LYS A 524 0.46 9.61 -0.28
CA LYS A 524 -0.18 9.82 1.03
C LYS A 524 -0.49 8.46 1.66
N GLN A 525 -1.11 7.60 0.85
CA GLN A 525 -1.45 6.24 1.25
C GLN A 525 -0.18 5.49 1.66
N LEU A 526 0.83 5.59 0.79
CA LEU A 526 2.15 4.96 0.97
C LEU A 526 2.81 5.32 2.31
N ARG A 527 2.73 6.59 2.71
CA ARG A 527 3.31 7.02 3.99
C ARG A 527 2.69 6.27 5.16
N GLN A 528 1.40 5.97 5.03
CA GLN A 528 0.70 5.13 5.99
C GLN A 528 0.94 3.64 5.63
N ILE B 3 -28.82 -36.51 -14.34
CA ILE B 3 -28.16 -35.32 -13.66
C ILE B 3 -26.66 -35.31 -13.96
N PRO B 4 -26.20 -34.33 -14.73
CA PRO B 4 -24.86 -34.34 -15.27
C PRO B 4 -23.78 -33.92 -14.29
N PHE B 5 -22.68 -34.66 -14.30
CA PHE B 5 -21.56 -34.38 -13.42
C PHE B 5 -20.31 -35.00 -14.02
N THR B 6 -19.15 -34.69 -13.46
CA THR B 6 -17.91 -35.12 -14.08
C THR B 6 -17.55 -36.47 -13.45
N ARG B 7 -17.55 -37.51 -14.28
CA ARG B 7 -17.31 -38.87 -13.84
C ARG B 7 -15.83 -39.02 -13.62
N TRP B 8 -15.43 -40.00 -12.81
CA TRP B 8 -14.02 -40.37 -12.73
C TRP B 8 -13.64 -41.10 -14.02
N PRO B 9 -12.36 -40.99 -14.44
CA PRO B 9 -11.99 -41.83 -15.59
C PRO B 9 -12.13 -43.31 -15.21
N GLU B 10 -12.53 -44.11 -16.19
CA GLU B 10 -12.85 -45.51 -15.98
C GLU B 10 -11.80 -46.29 -15.23
N GLU B 11 -10.52 -46.02 -15.44
CA GLU B 11 -9.46 -46.75 -14.72
C GLU B 11 -9.39 -46.40 -13.22
N PHE B 12 -9.80 -45.18 -12.87
CA PHE B 12 -9.93 -44.83 -11.45
C PHE B 12 -11.16 -45.51 -10.83
N ALA B 13 -12.32 -45.45 -11.49
CA ALA B 13 -13.51 -46.18 -11.02
C ALA B 13 -13.19 -47.68 -10.81
N ARG B 14 -12.48 -48.26 -11.76
CA ARG B 14 -12.21 -49.70 -11.73
C ARG B 14 -11.30 -49.98 -10.55
N ARG B 15 -10.22 -49.22 -10.42
CA ARG B 15 -9.36 -49.35 -9.24
C ARG B 15 -10.14 -49.20 -7.93
N TYR B 16 -10.97 -48.17 -7.85
CA TYR B 16 -11.64 -47.87 -6.60
C TYR B 16 -12.66 -48.94 -6.23
N ARG B 17 -13.25 -49.59 -7.23
CA ARG B 17 -14.08 -50.76 -6.94
C ARG B 17 -13.20 -51.98 -6.54
N GLU B 18 -12.08 -52.21 -7.24
CA GLU B 18 -11.23 -53.36 -6.89
C GLU B 18 -10.71 -53.30 -5.45
N LYS B 19 -10.41 -52.11 -4.95
CA LYS B 19 -9.93 -51.93 -3.56
C LYS B 19 -11.05 -51.86 -2.52
N GLY B 20 -12.31 -51.91 -2.93
CA GLY B 20 -13.42 -51.95 -1.98
C GLY B 20 -13.94 -50.62 -1.49
N TYR B 21 -13.48 -49.51 -2.06
CA TYR B 21 -13.89 -48.16 -1.63
C TYR B 21 -15.29 -47.90 -2.14
N TRP B 22 -15.52 -48.21 -3.43
CA TRP B 22 -16.84 -47.99 -4.04
C TRP B 22 -17.53 -49.31 -4.01
N GLN B 23 -18.59 -49.37 -3.22
CA GLN B 23 -19.33 -50.59 -3.00
C GLN B 23 -20.62 -50.73 -3.83
N ASP B 24 -20.97 -49.69 -4.59
CA ASP B 24 -22.22 -49.65 -5.40
C ASP B 24 -23.52 -49.89 -4.59
N LEU B 25 -23.52 -49.40 -3.37
CA LEU B 25 -24.71 -49.35 -2.52
C LEU B 25 -25.29 -47.94 -2.39
N PRO B 26 -26.62 -47.82 -2.35
CA PRO B 26 -27.14 -46.46 -2.16
C PRO B 26 -26.88 -45.99 -0.75
N LEU B 27 -26.86 -44.67 -0.54
CA LEU B 27 -26.72 -44.09 0.80
C LEU B 27 -27.91 -44.40 1.70
N THR B 28 -29.05 -44.80 1.11
CA THR B 28 -30.20 -45.21 1.93
C THR B 28 -29.84 -46.43 2.81
N ASP B 29 -28.86 -47.20 2.39
CA ASP B 29 -28.44 -48.40 3.11
C ASP B 29 -27.88 -48.05 4.50
N ILE B 30 -27.44 -46.80 4.68
CA ILE B 30 -27.01 -46.32 6.00
C ILE B 30 -28.15 -46.37 7.01
N LEU B 31 -29.36 -46.11 6.55
CA LEU B 31 -30.54 -46.12 7.42
C LEU B 31 -31.30 -47.45 7.40
N THR B 32 -31.46 -48.05 6.23
CA THR B 32 -32.32 -49.21 6.10
C THR B 32 -31.69 -50.47 6.72
N ARG B 33 -30.38 -50.50 6.88
CA ARG B 33 -29.78 -51.61 7.62
C ARG B 33 -30.29 -51.68 9.07
N HIS B 34 -30.84 -50.57 9.58
CA HIS B 34 -31.32 -50.46 10.97
C HIS B 34 -32.81 -50.31 10.99
N ALA B 35 -33.49 -50.58 9.87
CA ALA B 35 -34.95 -50.36 9.80
C ALA B 35 -35.74 -51.15 10.86
N ALA B 36 -35.16 -52.24 11.36
CA ALA B 36 -35.82 -53.06 12.38
C ALA B 36 -35.49 -52.64 13.81
N SER B 37 -34.68 -51.61 13.98
CA SER B 37 -34.15 -51.28 15.31
C SER B 37 -34.95 -50.21 16.03
N ASP B 38 -35.15 -50.41 17.32
CA ASP B 38 -35.91 -49.48 18.15
C ASP B 38 -34.97 -48.67 19.01
N SER B 39 -33.69 -48.84 18.81
CA SER B 39 -32.71 -48.02 19.52
C SER B 39 -32.79 -46.56 19.01
N ILE B 40 -32.37 -45.60 19.85
CA ILE B 40 -32.59 -44.19 19.54
C ILE B 40 -31.57 -43.67 18.52
N ALA B 41 -32.07 -43.11 17.41
CA ALA B 41 -31.19 -42.55 16.37
C ALA B 41 -30.98 -41.04 16.49
N VAL B 42 -32.03 -40.31 16.81
CA VAL B 42 -31.98 -38.85 16.86
C VAL B 42 -32.69 -38.39 18.12
N ILE B 43 -32.07 -37.47 18.84
CA ILE B 43 -32.72 -36.78 19.94
C ILE B 43 -32.73 -35.31 19.59
N ASP B 44 -33.92 -34.72 19.64
CA ASP B 44 -34.14 -33.33 19.24
C ASP B 44 -35.06 -32.63 20.24
N GLY B 45 -34.52 -31.91 21.21
CA GLY B 45 -35.34 -31.41 22.33
C GLY B 45 -35.88 -32.59 23.19
N GLU B 46 -37.21 -32.69 23.31
CA GLU B 46 -37.86 -33.77 24.09
C GLU B 46 -38.15 -35.03 23.25
N ARG B 47 -37.99 -34.89 21.95
CA ARG B 47 -38.39 -35.88 21.01
C ARG B 47 -37.25 -36.86 20.72
N GLN B 48 -37.57 -38.14 20.71
CA GLN B 48 -36.57 -39.18 20.49
C GLN B 48 -37.10 -40.15 19.44
N LEU B 49 -36.42 -40.19 18.30
CA LEU B 49 -36.82 -41.03 17.19
C LEU B 49 -35.88 -42.22 17.13
N SER B 50 -36.47 -43.40 17.06
CA SER B 50 -35.69 -44.62 16.83
C SER B 50 -35.37 -44.76 15.34
N TYR B 51 -34.43 -45.66 15.01
CA TYR B 51 -34.12 -46.02 13.63
C TYR B 51 -35.39 -46.49 12.87
N ARG B 52 -36.17 -47.38 13.48
CA ARG B 52 -37.44 -47.81 12.87
C ARG B 52 -38.30 -46.61 12.46
N GLU B 53 -38.46 -45.67 13.39
CA GLU B 53 -39.34 -44.54 13.18
C GLU B 53 -38.76 -43.58 12.15
N LEU B 54 -37.45 -43.33 12.26
CA LEU B 54 -36.71 -42.51 11.33
C LEU B 54 -36.88 -43.05 9.90
N ASN B 55 -36.63 -44.35 9.70
CA ASN B 55 -36.82 -44.99 8.39
C ASN B 55 -38.26 -44.96 7.88
N GLN B 56 -39.22 -45.20 8.75
CA GLN B 56 -40.65 -45.02 8.42
C GLN B 56 -40.99 -43.56 8.03
N ALA B 57 -40.39 -42.59 8.73
CA ALA B 57 -40.68 -41.16 8.46
C ALA B 57 -40.16 -40.79 7.06
N ALA B 58 -38.98 -41.29 6.73
CA ALA B 58 -38.43 -41.05 5.41
C ALA B 58 -39.32 -41.69 4.33
N ASP B 59 -39.82 -42.90 4.59
CA ASP B 59 -40.69 -43.60 3.61
C ASP B 59 -41.98 -42.85 3.43
N ASN B 60 -42.56 -42.40 4.54
CA ASN B 60 -43.80 -41.66 4.48
C ASN B 60 -43.63 -40.42 3.65
N LEU B 61 -42.58 -39.66 3.94
CA LEU B 61 -42.35 -38.39 3.25
C LEU B 61 -42.06 -38.63 1.78
N ALA B 62 -41.20 -39.61 1.50
CA ALA B 62 -40.89 -39.98 0.13
C ALA B 62 -42.14 -40.29 -0.64
N CYS B 63 -43.02 -41.11 -0.04
CA CYS B 63 -44.25 -41.61 -0.70
C CYS B 63 -45.19 -40.45 -0.97
N SER B 64 -45.32 -39.61 0.04
CA SER B 64 -46.19 -38.47 -0.04
C SER B 64 -45.76 -37.55 -1.18
N LEU B 65 -44.45 -37.37 -1.33
CA LEU B 65 -43.90 -36.52 -2.38
C LEU B 65 -44.12 -37.16 -3.74
N ARG B 66 -44.04 -38.49 -3.79
CA ARG B 66 -44.26 -39.22 -5.02
C ARG B 66 -45.70 -39.04 -5.46
N ARG B 67 -46.63 -39.10 -4.51
CA ARG B 67 -48.05 -38.84 -4.75
C ARG B 67 -48.26 -37.41 -5.34
N GLN B 68 -47.46 -36.43 -4.88
CA GLN B 68 -47.54 -35.06 -5.35
C GLN B 68 -46.81 -34.80 -6.68
N GLY B 69 -46.15 -35.84 -7.21
CA GLY B 69 -45.63 -35.80 -8.56
C GLY B 69 -44.12 -35.69 -8.72
N ILE B 70 -43.38 -35.79 -7.61
CA ILE B 70 -41.93 -35.65 -7.65
C ILE B 70 -41.37 -36.96 -8.15
N LYS B 71 -40.42 -36.88 -9.07
CA LYS B 71 -39.89 -38.05 -9.76
C LYS B 71 -38.38 -38.22 -9.60
N PRO B 72 -37.89 -39.45 -9.81
CA PRO B 72 -36.47 -39.68 -9.73
C PRO B 72 -35.71 -38.91 -10.79
N GLY B 73 -34.49 -38.50 -10.48
CA GLY B 73 -33.70 -37.67 -11.35
C GLY B 73 -34.02 -36.19 -11.25
N GLU B 74 -35.06 -35.81 -10.50
CA GLU B 74 -35.27 -34.39 -10.29
C GLU B 74 -34.44 -33.94 -9.08
N THR B 75 -34.30 -32.62 -8.96
CA THR B 75 -33.61 -31.99 -7.85
C THR B 75 -34.54 -31.32 -6.87
N ALA B 76 -34.03 -31.04 -5.65
CA ALA B 76 -34.77 -30.25 -4.65
C ALA B 76 -33.86 -29.25 -3.94
N LEU B 77 -34.45 -28.17 -3.44
CA LEU B 77 -33.81 -27.26 -2.49
C LEU B 77 -34.39 -27.46 -1.10
N VAL B 78 -33.53 -27.79 -0.17
CA VAL B 78 -33.89 -27.99 1.21
C VAL B 78 -33.22 -26.97 2.12
N GLN B 79 -34.01 -26.28 2.96
CA GLN B 79 -33.49 -25.41 4.00
C GLN B 79 -34.02 -25.74 5.41
N LEU B 80 -33.32 -26.63 6.11
CA LEU B 80 -33.69 -27.00 7.47
C LEU B 80 -32.46 -26.93 8.35
N GLY B 81 -32.66 -26.45 9.59
CA GLY B 81 -31.57 -26.35 10.54
C GLY B 81 -31.29 -27.67 11.27
N ASN B 82 -31.03 -27.53 12.57
CA ASN B 82 -30.66 -28.67 13.41
C ASN B 82 -31.93 -29.28 13.98
N VAL B 83 -32.71 -29.88 13.08
CA VAL B 83 -33.96 -30.51 13.44
C VAL B 83 -34.01 -31.90 12.83
N ALA B 84 -34.76 -32.79 13.49
CA ALA B 84 -34.89 -34.20 13.05
C ALA B 84 -35.38 -34.25 11.62
N GLU B 85 -36.22 -33.30 11.25
CA GLU B 85 -36.76 -33.30 9.92
C GLU B 85 -35.71 -33.09 8.82
N LEU B 86 -34.53 -32.59 9.18
CA LEU B 86 -33.44 -32.53 8.21
C LEU B 86 -33.07 -33.92 7.71
N TYR B 87 -32.87 -34.85 8.64
CA TYR B 87 -32.50 -36.21 8.32
C TYR B 87 -33.63 -37.01 7.64
N ILE B 88 -34.85 -36.84 8.17
CA ILE B 88 -36.01 -37.48 7.55
C ILE B 88 -36.02 -37.05 6.10
N THR B 89 -35.78 -35.78 5.82
CA THR B 89 -35.94 -35.24 4.47
C THR B 89 -34.81 -35.78 3.57
N PHE B 90 -33.60 -35.84 4.13
CA PHE B 90 -32.44 -36.27 3.36
C PHE B 90 -32.69 -37.70 2.91
N PHE B 91 -33.02 -38.60 3.84
CA PHE B 91 -33.26 -40.00 3.46
C PHE B 91 -34.51 -40.20 2.60
N ALA B 92 -35.55 -39.39 2.83
CA ALA B 92 -36.72 -39.45 1.98
C ALA B 92 -36.36 -39.12 0.53
N LEU B 93 -35.54 -38.08 0.33
CA LEU B 93 -35.17 -37.70 -1.04
C LEU B 93 -34.21 -38.72 -1.67
N LEU B 94 -33.38 -39.35 -0.85
CA LEU B 94 -32.48 -40.38 -1.35
C LEU B 94 -33.27 -41.60 -1.79
N LYS B 95 -34.34 -41.91 -1.04
CA LYS B 95 -35.18 -43.06 -1.38
C LYS B 95 -35.98 -42.85 -2.65
N LEU B 96 -36.18 -41.60 -3.05
CA LEU B 96 -36.88 -41.26 -4.28
C LEU B 96 -35.99 -41.03 -5.49
N GLY B 97 -34.67 -40.98 -5.29
CA GLY B 97 -33.76 -40.66 -6.39
C GLY B 97 -33.78 -39.18 -6.78
N VAL B 98 -34.08 -38.32 -5.82
CA VAL B 98 -34.04 -36.86 -6.00
C VAL B 98 -32.77 -36.36 -5.29
N ALA B 99 -32.07 -35.43 -5.92
CA ALA B 99 -30.80 -34.94 -5.38
C ALA B 99 -31.01 -33.53 -4.83
N PRO B 100 -30.86 -33.34 -3.52
CA PRO B 100 -31.05 -32.01 -2.96
C PRO B 100 -29.77 -31.22 -2.76
N VAL B 101 -29.91 -29.89 -2.74
CA VAL B 101 -28.97 -29.03 -2.05
C VAL B 101 -29.53 -28.77 -0.65
N LEU B 102 -28.71 -28.94 0.37
CA LEU B 102 -29.10 -28.60 1.77
C LEU B 102 -28.52 -27.25 2.15
N ALA B 103 -29.28 -26.20 1.89
CA ALA B 103 -28.83 -24.85 2.32
C ALA B 103 -28.81 -24.81 3.85
N LEU B 104 -27.90 -24.05 4.42
CA LEU B 104 -27.90 -23.79 5.86
C LEU B 104 -28.98 -22.77 6.24
N PHE B 105 -29.53 -22.93 7.43
CA PHE B 105 -30.54 -22.01 7.96
C PHE B 105 -30.14 -20.54 7.81
N SER B 106 -28.85 -20.25 7.99
CA SER B 106 -28.36 -18.87 8.00
C SER B 106 -28.43 -18.18 6.61
N HIS B 107 -28.54 -18.99 5.55
CA HIS B 107 -28.46 -18.50 4.19
C HIS B 107 -29.74 -17.73 3.89
N GLN B 108 -29.65 -16.76 2.98
CA GLN B 108 -30.78 -15.86 2.70
C GLN B 108 -31.13 -15.83 1.18
N ARG B 109 -31.80 -14.79 0.69
CA ARG B 109 -32.27 -14.71 -0.71
C ARG B 109 -31.21 -15.00 -1.75
N SER B 110 -30.10 -14.29 -1.67
CA SER B 110 -29.16 -14.36 -2.76
C SER B 110 -28.67 -15.80 -2.88
N GLU B 111 -28.40 -16.42 -1.74
CA GLU B 111 -27.92 -17.78 -1.77
C GLU B 111 -29.00 -18.77 -2.24
N LEU B 112 -30.22 -18.63 -1.72
CA LEU B 112 -31.29 -19.55 -2.16
C LEU B 112 -31.51 -19.38 -3.63
N ASN B 113 -31.65 -18.14 -4.09
CA ASN B 113 -31.76 -17.86 -5.55
C ASN B 113 -30.64 -18.49 -6.33
N ALA B 114 -29.42 -18.32 -5.85
CA ALA B 114 -28.25 -18.88 -6.55
C ALA B 114 -28.39 -20.43 -6.64
N TYR B 115 -28.81 -21.09 -5.56
CA TYR B 115 -28.93 -22.55 -5.60
C TYR B 115 -30.04 -22.98 -6.55
N ALA B 116 -31.21 -22.37 -6.38
CA ALA B 116 -32.37 -22.66 -7.25
C ALA B 116 -32.10 -22.39 -8.73
N SER B 117 -31.33 -21.36 -9.05
CA SER B 117 -31.00 -21.10 -10.45
C SER B 117 -30.17 -22.23 -11.09
N GLN B 118 -29.23 -22.79 -10.34
CA GLN B 118 -28.33 -23.79 -10.89
C GLN B 118 -28.93 -25.19 -11.02
N ILE B 119 -29.74 -25.63 -10.05
CA ILE B 119 -30.27 -26.98 -10.05
C ILE B 119 -31.76 -27.14 -10.55
N GLU B 120 -32.50 -26.04 -10.61
CA GLU B 120 -33.88 -26.07 -11.10
C GLU B 120 -34.73 -27.07 -10.32
N PRO B 121 -34.85 -26.85 -9.00
CA PRO B 121 -35.50 -27.81 -8.14
C PRO B 121 -36.98 -27.97 -8.47
N ALA B 122 -37.48 -29.20 -8.38
CA ALA B 122 -38.92 -29.46 -8.55
C ALA B 122 -39.60 -29.30 -7.18
N LEU B 123 -38.78 -29.30 -6.15
CA LEU B 123 -39.29 -29.34 -4.79
C LEU B 123 -38.55 -28.29 -3.95
N LEU B 124 -39.29 -27.55 -3.15
CA LEU B 124 -38.72 -26.68 -2.11
C LEU B 124 -39.24 -27.15 -0.79
N ILE B 125 -38.33 -27.39 0.15
CA ILE B 125 -38.69 -27.66 1.54
C ILE B 125 -37.99 -26.66 2.47
N ALA B 126 -38.74 -26.00 3.33
CA ALA B 126 -38.13 -24.92 4.12
C ALA B 126 -38.87 -24.78 5.44
N ASP B 127 -38.56 -23.73 6.21
CA ASP B 127 -39.03 -23.64 7.58
C ASP B 127 -39.65 -22.28 7.85
N ARG B 128 -40.91 -22.25 8.19
CA ARG B 128 -41.60 -21.00 8.51
C ARG B 128 -40.99 -20.19 9.68
N GLN B 129 -40.20 -20.83 10.51
CA GLN B 129 -39.37 -20.13 11.48
C GLN B 129 -38.24 -19.23 10.87
N HIS B 130 -37.88 -19.50 9.62
CA HIS B 130 -36.92 -18.68 8.92
C HIS B 130 -37.62 -17.37 8.48
N ALA B 131 -36.90 -16.26 8.62
CA ALA B 131 -37.49 -14.95 8.38
C ALA B 131 -38.17 -14.84 7.01
N LEU B 132 -37.58 -15.50 6.02
CA LEU B 132 -38.04 -15.43 4.63
C LEU B 132 -39.31 -16.18 4.41
N PHE B 133 -39.65 -17.09 5.32
CA PHE B 133 -40.77 -17.99 5.09
C PHE B 133 -41.87 -17.92 6.17
N SER B 134 -41.75 -17.02 7.15
CA SER B 134 -42.84 -16.82 8.12
C SER B 134 -44.13 -16.36 7.45
N GLY B 135 -43.99 -15.62 6.36
CA GLY B 135 -45.09 -15.18 5.53
C GLY B 135 -45.02 -15.86 4.18
N ASP B 136 -45.75 -15.32 3.21
CA ASP B 136 -45.84 -15.90 1.88
C ASP B 136 -45.33 -15.02 0.74
N ASP B 137 -44.92 -13.79 1.03
CA ASP B 137 -44.44 -12.87 -0.03
C ASP B 137 -43.21 -13.37 -0.75
N PHE B 138 -42.15 -13.66 -0.01
CA PHE B 138 -40.96 -14.19 -0.65
C PHE B 138 -41.25 -15.46 -1.45
N LEU B 139 -42.02 -16.36 -0.84
CA LEU B 139 -42.40 -17.58 -1.53
C LEU B 139 -42.99 -17.33 -2.91
N ASN B 140 -43.91 -16.38 -2.99
CA ASN B 140 -44.57 -16.06 -4.25
C ASN B 140 -43.58 -15.62 -5.30
N THR B 141 -42.60 -14.84 -4.85
CA THR B 141 -41.58 -14.34 -5.72
C THR B 141 -40.68 -15.47 -6.07
N PHE B 142 -40.29 -16.28 -5.07
CA PHE B 142 -39.34 -17.37 -5.31
C PHE B 142 -39.93 -18.41 -6.28
N VAL B 143 -41.19 -18.75 -6.07
CA VAL B 143 -41.83 -19.73 -6.92
C VAL B 143 -42.01 -19.17 -8.36
N THR B 144 -42.30 -17.88 -8.47
CA THR B 144 -42.37 -17.23 -9.79
C THR B 144 -40.99 -17.17 -10.50
N GLU B 145 -39.94 -16.81 -9.79
CA GLU B 145 -38.62 -16.68 -10.43
C GLU B 145 -37.88 -17.97 -10.66
N HIS B 146 -38.39 -19.08 -10.12
CA HIS B 146 -37.84 -20.46 -10.25
C HIS B 146 -38.99 -21.45 -10.51
N SER B 147 -39.54 -21.35 -11.71
CA SER B 147 -40.75 -22.03 -12.11
C SER B 147 -40.67 -23.54 -12.22
N SER B 148 -39.44 -24.08 -12.13
CA SER B 148 -39.25 -25.52 -11.97
C SER B 148 -39.97 -26.05 -10.75
N ILE B 149 -40.18 -25.22 -9.71
CA ILE B 149 -40.71 -25.69 -8.42
C ILE B 149 -42.21 -26.00 -8.53
N ARG B 150 -42.61 -27.22 -8.21
CA ARG B 150 -43.99 -27.66 -8.28
C ARG B 150 -44.60 -27.96 -6.93
N VAL B 151 -43.75 -28.26 -5.95
CA VAL B 151 -44.19 -28.65 -4.61
C VAL B 151 -43.43 -27.86 -3.57
N VAL B 152 -44.12 -27.32 -2.58
CA VAL B 152 -43.49 -26.61 -1.48
C VAL B 152 -43.98 -27.26 -0.21
N GLN B 153 -43.06 -27.75 0.61
CA GLN B 153 -43.39 -28.25 1.93
C GLN B 153 -42.65 -27.38 2.97
N LEU B 154 -43.28 -27.08 4.08
CA LEU B 154 -42.73 -26.16 5.04
C LEU B 154 -42.89 -26.70 6.45
N LEU B 155 -41.80 -26.66 7.21
CA LEU B 155 -41.84 -26.97 8.62
C LEU B 155 -42.52 -25.85 9.41
N ASN B 156 -43.13 -26.20 10.54
CA ASN B 156 -43.86 -25.22 11.39
C ASN B 156 -44.90 -24.44 10.62
N ASP B 157 -45.65 -25.16 9.77
CA ASP B 157 -46.75 -24.59 8.98
C ASP B 157 -47.98 -25.39 9.38
N SER B 158 -49.13 -24.72 9.46
CA SER B 158 -50.39 -25.41 9.80
C SER B 158 -51.34 -25.49 8.58
N GLY B 159 -51.01 -24.77 7.50
CA GLY B 159 -51.82 -24.74 6.28
C GLY B 159 -51.72 -25.94 5.36
N GLU B 160 -51.87 -25.71 4.06
CA GLU B 160 -51.89 -26.81 3.11
C GLU B 160 -50.52 -27.45 2.93
N HIS B 161 -49.46 -26.70 3.23
CA HIS B 161 -48.10 -27.13 2.89
C HIS B 161 -47.31 -27.64 4.09
N ASN B 162 -47.99 -28.27 5.05
CA ASN B 162 -47.35 -28.69 6.30
C ASN B 162 -46.53 -29.94 6.13
N LEU B 163 -45.21 -29.80 6.24
CA LEU B 163 -44.29 -30.94 6.09
C LEU B 163 -44.61 -32.10 7.03
N GLN B 164 -45.11 -31.79 8.22
CA GLN B 164 -45.47 -32.83 9.19
C GLN B 164 -46.54 -33.79 8.67
N ASP B 165 -47.59 -33.24 8.09
CA ASP B 165 -48.67 -34.04 7.52
C ASP B 165 -48.13 -35.08 6.57
N ALA B 166 -47.12 -34.69 5.78
CA ALA B 166 -46.51 -35.62 4.83
C ALA B 166 -45.69 -36.69 5.56
N ILE B 167 -44.94 -36.27 6.57
CA ILE B 167 -44.12 -37.21 7.37
C ILE B 167 -45.01 -38.19 8.12
N ASN B 168 -46.13 -37.69 8.66
CA ASN B 168 -47.05 -38.53 9.47
C ASN B 168 -48.00 -39.40 8.70
N HIS B 169 -48.13 -39.20 7.39
CA HIS B 169 -49.02 -40.00 6.56
C HIS B 169 -48.37 -41.35 6.21
N PRO B 170 -48.88 -42.47 6.77
CA PRO B 170 -48.21 -43.78 6.56
C PRO B 170 -48.13 -44.16 5.09
N ALA B 171 -46.94 -44.53 4.64
CA ALA B 171 -46.75 -44.89 3.25
C ALA B 171 -47.49 -46.18 3.01
N GLU B 172 -48.32 -46.20 1.97
CA GLU B 172 -49.12 -47.38 1.67
C GLU B 172 -48.21 -48.49 1.13
N ASP B 173 -47.85 -48.44 -0.14
CA ASP B 173 -47.04 -49.50 -0.74
C ASP B 173 -45.84 -48.87 -1.44
N PHE B 174 -44.81 -48.58 -0.64
CA PHE B 174 -43.73 -47.75 -1.11
C PHE B 174 -42.47 -48.57 -1.39
N THR B 175 -41.96 -48.46 -2.61
CA THR B 175 -40.68 -49.05 -2.95
C THR B 175 -39.74 -47.93 -3.37
N ALA B 176 -38.58 -47.93 -2.75
CA ALA B 176 -37.56 -46.92 -2.96
C ALA B 176 -36.92 -47.06 -4.29
N THR B 177 -36.59 -45.92 -4.90
CA THR B 177 -35.93 -45.86 -6.20
C THR B 177 -34.76 -44.89 -6.14
N PRO B 178 -33.73 -45.21 -5.33
CA PRO B 178 -32.53 -44.37 -5.28
C PRO B 178 -31.89 -44.26 -6.65
N SER B 179 -31.24 -43.15 -6.97
CA SER B 179 -30.46 -43.09 -8.22
C SER B 179 -29.40 -44.21 -8.18
N PRO B 180 -28.86 -44.61 -9.34
CA PRO B 180 -27.78 -45.58 -9.32
C PRO B 180 -26.62 -45.07 -8.47
N ALA B 181 -25.86 -46.02 -7.90
CA ALA B 181 -24.78 -45.73 -6.96
C ALA B 181 -23.60 -44.99 -7.57
N ASP B 182 -23.42 -45.15 -8.87
CA ASP B 182 -22.41 -44.36 -9.59
C ASP B 182 -22.97 -43.05 -10.20
N GLU B 183 -24.18 -42.66 -9.81
CA GLU B 183 -24.78 -41.39 -10.20
C GLU B 183 -24.86 -40.43 -8.99
N VAL B 184 -25.38 -39.23 -9.22
CA VAL B 184 -25.46 -38.24 -8.21
C VAL B 184 -26.50 -38.57 -7.15
N ALA B 185 -26.07 -38.55 -5.90
CA ALA B 185 -27.03 -38.64 -4.76
C ALA B 185 -27.41 -37.25 -4.21
N TYR B 186 -26.44 -36.38 -4.07
CA TYR B 186 -26.74 -35.00 -3.69
C TYR B 186 -25.65 -34.00 -3.99
N PHE B 187 -25.97 -32.74 -3.76
CA PHE B 187 -25.06 -31.62 -3.99
C PHE B 187 -24.58 -31.06 -2.67
N GLN B 188 -23.28 -30.91 -2.56
CA GLN B 188 -22.70 -30.18 -1.49
C GLN B 188 -22.33 -28.77 -1.95
N LEU B 189 -22.20 -27.87 -1.00
CA LEU B 189 -21.81 -26.49 -1.24
C LEU B 189 -20.32 -26.33 -1.00
N SER B 190 -19.61 -25.69 -1.92
CA SER B 190 -18.25 -25.26 -1.60
C SER B 190 -18.29 -24.09 -0.64
N GLY B 191 -17.16 -23.92 0.02
CA GLY B 191 -16.91 -22.69 0.76
C GLY B 191 -17.08 -21.46 -0.09
N GLY B 192 -16.49 -21.48 -1.29
CA GLY B 192 -16.65 -20.35 -2.21
C GLY B 192 -15.36 -19.60 -2.46
N THR B 193 -14.97 -19.57 -3.75
CA THR B 193 -13.82 -18.81 -4.23
C THR B 193 -14.16 -17.90 -5.41
N THR B 194 -15.42 -17.88 -5.81
CA THR B 194 -15.83 -17.08 -6.95
C THR B 194 -17.05 -16.32 -6.58
N GLY B 195 -17.53 -15.49 -7.50
CA GLY B 195 -18.73 -14.68 -7.31
C GLY B 195 -20.07 -15.38 -7.28
N THR B 196 -20.18 -16.57 -7.83
CA THR B 196 -21.42 -17.33 -7.68
C THR B 196 -21.05 -18.64 -7.02
N PRO B 197 -21.92 -19.14 -6.14
CA PRO B 197 -21.65 -20.36 -5.41
C PRO B 197 -21.51 -21.53 -6.33
N LYS B 198 -20.71 -22.49 -5.90
CA LYS B 198 -20.44 -23.66 -6.70
C LYS B 198 -20.94 -24.93 -6.01
N LEU B 199 -21.62 -25.77 -6.77
CA LEU B 199 -22.19 -27.01 -6.24
C LEU B 199 -21.26 -28.19 -6.55
N ILE B 200 -21.14 -29.08 -5.57
CA ILE B 200 -20.27 -30.22 -5.68
C ILE B 200 -21.14 -31.46 -5.76
N PRO B 201 -21.20 -32.10 -6.95
CA PRO B 201 -21.95 -33.33 -6.98
C PRO B 201 -21.25 -34.43 -6.24
N ARG B 202 -22.03 -35.17 -5.47
CA ARG B 202 -21.58 -36.30 -4.72
C ARG B 202 -22.40 -37.51 -5.14
N THR B 203 -21.68 -38.52 -5.63
CA THR B 203 -22.28 -39.81 -5.93
C THR B 203 -22.38 -40.63 -4.64
N HIS B 204 -23.25 -41.64 -4.67
CA HIS B 204 -23.42 -42.57 -3.55
C HIS B 204 -22.08 -43.25 -3.22
N ASN B 205 -21.41 -43.76 -4.24
CA ASN B 205 -20.18 -44.49 -4.04
C ASN B 205 -19.18 -43.62 -3.29
N ASP B 206 -19.10 -42.35 -3.68
CA ASP B 206 -18.01 -41.57 -3.24
C ASP B 206 -18.37 -41.07 -1.83
N TYR B 207 -19.61 -40.66 -1.63
CA TYR B 207 -20.02 -40.11 -0.33
C TYR B 207 -20.11 -41.18 0.77
N TYR B 208 -20.65 -42.36 0.43
CA TYR B 208 -20.79 -43.46 1.37
C TYR B 208 -19.40 -43.92 1.83
N TYR B 209 -18.47 -44.00 0.90
CA TYR B 209 -17.11 -44.32 1.27
C TYR B 209 -16.51 -43.33 2.30
N SER B 210 -16.76 -42.03 2.11
CA SER B 210 -16.18 -41.04 3.01
C SER B 210 -16.80 -41.24 4.39
N VAL B 211 -18.08 -41.59 4.43
CA VAL B 211 -18.74 -41.85 5.73
C VAL B 211 -18.22 -43.13 6.36
N ARG B 212 -18.25 -44.22 5.60
CA ARG B 212 -17.78 -45.53 6.10
C ARG B 212 -16.38 -45.48 6.67
N ARG B 213 -15.48 -44.82 5.97
CA ARG B 213 -14.12 -44.77 6.37
C ARG B 213 -13.91 -43.81 7.53
N SER B 214 -14.60 -42.69 7.54
CA SER B 214 -14.54 -41.81 8.71
C SER B 214 -15.02 -42.55 9.96
N VAL B 215 -16.01 -43.43 9.79
CA VAL B 215 -16.47 -44.30 10.88
C VAL B 215 -15.39 -45.27 11.40
N GLU B 216 -14.56 -45.83 10.53
CA GLU B 216 -13.47 -46.71 10.99
C GLU B 216 -12.45 -45.89 11.79
N ILE B 217 -12.08 -44.73 11.28
CA ILE B 217 -11.05 -43.92 11.93
C ILE B 217 -11.50 -43.35 13.28
N CYS B 218 -12.75 -42.93 13.37
CA CYS B 218 -13.25 -42.38 14.64
C CYS B 218 -13.83 -43.47 15.53
N GLN B 219 -13.79 -44.71 15.07
CA GLN B 219 -14.28 -45.84 15.86
C GLN B 219 -15.69 -45.63 16.42
N PHE B 220 -16.60 -45.14 15.61
CA PHE B 220 -18.02 -45.01 15.99
C PHE B 220 -18.68 -46.38 16.08
N THR B 221 -19.57 -46.55 17.06
CA THR B 221 -20.36 -47.80 17.20
C THR B 221 -21.79 -47.46 17.64
N GLN B 222 -22.55 -48.44 18.10
CA GLN B 222 -23.88 -48.17 18.72
C GLN B 222 -23.81 -47.33 19.99
N GLN B 223 -22.63 -47.28 20.63
CA GLN B 223 -22.47 -46.53 21.85
C GLN B 223 -22.13 -45.04 21.61
N THR B 224 -21.73 -44.70 20.39
CA THR B 224 -21.55 -43.31 20.01
C THR B 224 -22.79 -42.48 20.30
N ARG B 225 -22.59 -41.42 21.07
CA ARG B 225 -23.63 -40.45 21.32
C ARG B 225 -22.99 -39.13 20.94
N TYR B 226 -23.44 -38.61 19.81
CA TYR B 226 -22.76 -37.54 19.06
C TYR B 226 -23.58 -36.25 19.09
N LEU B 227 -23.03 -35.20 19.66
CA LEU B 227 -23.73 -33.91 19.70
C LEU B 227 -23.47 -33.19 18.39
N CYS B 228 -24.55 -32.92 17.66
CA CYS B 228 -24.47 -32.14 16.43
C CYS B 228 -24.98 -30.77 16.77
N ALA B 229 -24.06 -29.83 16.97
CA ALA B 229 -24.39 -28.46 17.40
C ALA B 229 -24.05 -27.41 16.35
N ILE B 230 -23.06 -27.71 15.50
CA ILE B 230 -22.75 -26.86 14.38
C ILE B 230 -23.82 -27.12 13.33
N PRO B 231 -23.93 -26.28 12.29
CA PRO B 231 -24.99 -26.45 11.31
C PRO B 231 -24.96 -27.84 10.69
N ALA B 232 -26.07 -28.54 10.85
CA ALA B 232 -26.13 -29.95 10.62
C ALA B 232 -25.95 -30.34 9.17
N ALA B 233 -26.24 -29.46 8.26
CA ALA B 233 -26.22 -29.79 6.87
C ALA B 233 -24.88 -29.54 6.21
N HIS B 234 -23.90 -29.05 6.98
CA HIS B 234 -22.54 -28.89 6.50
C HIS B 234 -21.80 -30.25 6.48
N GLY B 235 -20.88 -30.47 5.55
CA GLY B 235 -20.23 -31.78 5.41
C GLY B 235 -19.51 -32.35 6.64
N TYR B 236 -18.85 -31.49 7.40
CA TYR B 236 -18.21 -31.83 8.63
C TYR B 236 -19.22 -32.43 9.60
N ALA B 237 -20.40 -31.82 9.69
CA ALA B 237 -21.44 -32.33 10.60
C ALA B 237 -22.18 -33.52 10.07
N MET B 238 -22.12 -33.70 8.78
CA MET B 238 -22.93 -34.69 8.14
C MET B 238 -22.16 -35.99 7.86
N SER B 239 -20.87 -35.92 7.55
CA SER B 239 -20.18 -37.10 7.00
C SER B 239 -18.71 -37.31 7.42
N SER B 240 -18.24 -36.56 8.42
CA SER B 240 -16.82 -36.63 8.79
C SER B 240 -16.51 -36.89 10.29
N PRO B 241 -17.08 -37.95 10.88
CA PRO B 241 -18.03 -38.91 10.31
C PRO B 241 -19.46 -38.40 10.30
N GLY B 242 -19.73 -37.46 11.21
CA GLY B 242 -20.99 -36.72 11.24
C GLY B 242 -22.18 -37.56 11.61
N SER B 243 -23.37 -36.98 11.50
CA SER B 243 -24.60 -37.72 11.74
C SER B 243 -24.79 -39.00 10.89
N LEU B 244 -24.37 -38.97 9.62
CA LEU B 244 -24.53 -40.11 8.79
C LEU B 244 -23.62 -41.26 9.27
N GLY B 245 -22.40 -40.95 9.70
CA GLY B 245 -21.50 -41.96 10.31
C GLY B 245 -22.10 -42.53 11.59
N VAL B 246 -22.86 -41.70 12.30
CA VAL B 246 -23.49 -42.17 13.53
C VAL B 246 -24.57 -43.17 13.16
N PHE B 247 -25.40 -42.78 12.20
CA PHE B 247 -26.48 -43.62 11.72
C PHE B 247 -25.93 -44.95 11.21
N LEU B 248 -24.86 -44.87 10.40
CA LEU B 248 -24.22 -46.05 9.88
C LEU B 248 -23.92 -46.99 11.02
N ALA B 249 -23.24 -46.45 12.02
CA ALA B 249 -22.85 -47.19 13.21
C ALA B 249 -24.00 -47.52 14.16
N GLY B 250 -25.17 -46.98 13.95
CA GLY B 250 -26.32 -47.29 14.81
C GLY B 250 -26.30 -46.57 16.15
N GLY B 251 -25.55 -45.48 16.23
CA GLY B 251 -25.47 -44.69 17.44
C GLY B 251 -26.59 -43.71 17.64
N THR B 252 -26.31 -42.63 18.36
CA THR B 252 -27.31 -41.61 18.58
C THR B 252 -26.78 -40.22 18.31
N VAL B 253 -27.58 -39.46 17.59
CA VAL B 253 -27.31 -38.07 17.31
C VAL B 253 -28.15 -37.19 18.21
N VAL B 254 -27.50 -36.32 18.96
CA VAL B 254 -28.17 -35.30 19.78
C VAL B 254 -28.04 -33.93 19.07
N LEU B 255 -29.17 -33.34 18.70
CA LEU B 255 -29.16 -32.06 18.05
C LEU B 255 -29.20 -30.90 19.06
N ALA B 256 -28.39 -29.89 18.79
CA ALA B 256 -28.41 -28.62 19.49
C ALA B 256 -28.59 -27.54 18.41
N ALA B 257 -29.30 -26.47 18.71
CA ALA B 257 -29.54 -25.39 17.73
C ALA B 257 -28.24 -24.70 17.41
N ASP B 258 -27.35 -24.57 18.42
CA ASP B 258 -26.06 -23.90 18.22
C ASP B 258 -24.98 -24.44 19.14
N PRO B 259 -23.71 -24.07 18.87
CA PRO B 259 -22.61 -24.54 19.71
C PRO B 259 -22.36 -23.78 21.01
N SER B 260 -23.34 -23.02 21.52
CA SER B 260 -23.13 -22.35 22.81
C SER B 260 -23.04 -23.36 23.99
N ALA B 261 -22.05 -23.12 24.87
CA ALA B 261 -21.96 -23.82 26.13
C ALA B 261 -23.30 -23.83 26.85
N THR B 262 -24.01 -22.71 26.81
CA THR B 262 -25.29 -22.62 27.50
C THR B 262 -26.26 -23.76 27.15
N LEU B 263 -26.27 -24.12 25.88
CA LEU B 263 -27.18 -25.11 25.34
C LEU B 263 -26.54 -26.47 25.49
N CYS B 264 -25.27 -26.55 25.13
CA CYS B 264 -24.59 -27.80 24.92
C CYS B 264 -24.06 -28.49 26.17
N PHE B 265 -23.57 -27.71 27.14
CA PHE B 265 -23.08 -28.30 28.39
C PHE B 265 -24.16 -29.15 29.02
N PRO B 266 -25.40 -28.62 29.09
CA PRO B 266 -26.49 -29.44 29.65
C PRO B 266 -26.87 -30.65 28.82
N LEU B 267 -26.93 -30.47 27.50
CA LEU B 267 -27.26 -31.62 26.65
C LEU B 267 -26.21 -32.71 26.78
N ILE B 268 -24.95 -32.35 27.00
CA ILE B 268 -23.87 -33.33 27.01
C ILE B 268 -23.95 -34.23 28.27
N GLU B 269 -24.33 -33.61 29.37
CA GLU B 269 -24.49 -34.28 30.65
C GLU B 269 -25.73 -35.11 30.66
N LYS B 270 -26.84 -34.50 30.29
CA LYS B 270 -28.14 -35.14 30.24
C LYS B 270 -28.13 -36.42 29.43
N HIS B 271 -27.65 -36.33 28.21
CA HIS B 271 -27.61 -37.47 27.27
C HIS B 271 -26.32 -38.26 27.24
N GLN B 272 -25.36 -37.93 28.11
CA GLN B 272 -24.10 -38.69 28.18
C GLN B 272 -23.39 -38.70 26.84
N VAL B 273 -23.34 -37.56 26.18
CA VAL B 273 -22.64 -37.44 24.91
C VAL B 273 -21.17 -37.78 25.06
N ASN B 274 -20.63 -38.51 24.08
CA ASN B 274 -19.24 -38.93 24.12
C ASN B 274 -18.38 -38.48 22.94
N VAL B 275 -19.00 -37.91 21.90
CA VAL B 275 -18.22 -37.19 20.88
C VAL B 275 -18.99 -35.99 20.33
N THR B 276 -18.25 -34.94 19.97
CA THR B 276 -18.84 -33.83 19.27
C THR B 276 -17.85 -33.17 18.36
N ALA B 277 -18.35 -32.21 17.59
CA ALA B 277 -17.52 -31.54 16.57
C ALA B 277 -17.77 -30.07 16.69
N LEU B 278 -16.68 -29.32 16.71
CA LEU B 278 -16.69 -27.90 16.92
C LEU B 278 -15.71 -27.25 15.99
N VAL B 279 -15.84 -25.93 15.89
CA VAL B 279 -14.83 -25.11 15.20
C VAL B 279 -14.03 -24.43 16.31
N PRO B 280 -12.83 -23.87 15.99
CA PRO B 280 -11.95 -23.28 17.02
C PRO B 280 -12.53 -22.24 17.98
N PRO B 281 -13.24 -21.21 17.48
CA PRO B 281 -13.84 -20.24 18.40
C PRO B 281 -14.82 -20.86 19.40
N ALA B 282 -15.58 -21.87 19.03
CA ALA B 282 -16.45 -22.56 19.96
C ALA B 282 -15.63 -23.27 21.04
N VAL B 283 -14.48 -23.81 20.66
CA VAL B 283 -13.60 -24.40 21.65
C VAL B 283 -13.20 -23.33 22.66
N SER B 284 -12.80 -22.14 22.19
CA SER B 284 -12.33 -21.10 23.13
C SER B 284 -13.46 -20.67 24.05
N LEU B 285 -14.65 -20.54 23.47
CA LEU B 285 -15.79 -20.08 24.25
C LEU B 285 -16.20 -21.11 25.32
N TRP B 286 -16.04 -22.40 25.00
CA TRP B 286 -16.30 -23.49 25.97
C TRP B 286 -15.30 -23.41 27.14
N LEU B 287 -14.02 -23.27 26.80
CA LEU B 287 -12.94 -23.26 27.77
C LEU B 287 -13.08 -22.07 28.71
N GLN B 288 -13.56 -20.97 28.16
CA GLN B 288 -13.76 -19.77 28.94
C GLN B 288 -15.05 -19.88 29.79
N ALA B 289 -16.07 -20.58 29.31
CA ALA B 289 -17.23 -20.79 30.14
C ALA B 289 -16.86 -21.59 31.39
N LEU B 290 -16.01 -22.63 31.23
CA LEU B 290 -15.50 -23.42 32.37
C LEU B 290 -14.72 -22.50 33.34
N ILE B 291 -13.87 -21.65 32.80
CA ILE B 291 -13.13 -20.72 33.61
C ILE B 291 -14.05 -19.74 34.32
N GLU B 292 -15.18 -19.43 33.71
CA GLU B 292 -16.18 -18.57 34.39
C GLU B 292 -17.02 -19.36 35.38
N GLY B 293 -16.67 -20.62 35.61
CA GLY B 293 -17.30 -21.44 36.63
C GLY B 293 -18.30 -22.50 36.25
N GLU B 294 -18.45 -22.86 34.98
CA GLU B 294 -19.32 -24.02 34.66
C GLU B 294 -18.59 -25.27 35.19
N SER B 295 -19.30 -26.23 35.77
CA SER B 295 -18.62 -27.40 36.29
C SER B 295 -18.16 -28.25 35.15
N ARG B 296 -16.87 -28.48 35.13
CA ARG B 296 -16.20 -29.40 34.21
C ARG B 296 -16.93 -30.78 34.14
N ALA B 297 -17.58 -31.21 35.23
CA ALA B 297 -18.22 -32.55 35.29
C ALA B 297 -19.35 -32.75 34.30
N GLN B 298 -19.96 -31.65 33.89
CA GLN B 298 -20.98 -31.72 32.84
C GLN B 298 -20.43 -32.35 31.56
N LEU B 299 -19.10 -32.30 31.41
CA LEU B 299 -18.41 -32.81 30.21
C LEU B 299 -17.71 -34.16 30.42
N ALA B 300 -17.98 -34.84 31.52
CA ALA B 300 -17.19 -36.01 31.90
C ALA B 300 -17.31 -37.10 30.84
N SER B 301 -18.54 -37.38 30.41
CA SER B 301 -18.84 -38.41 29.41
C SER B 301 -18.18 -38.18 28.03
N LEU B 302 -17.70 -36.96 27.80
CA LEU B 302 -17.03 -36.61 26.56
C LEU B 302 -15.69 -37.33 26.44
N LYS B 303 -15.51 -38.08 25.34
CA LYS B 303 -14.27 -38.87 25.08
C LYS B 303 -13.52 -38.41 23.86
N LEU B 304 -14.25 -37.85 22.90
CA LEU B 304 -13.63 -37.32 21.71
C LEU B 304 -14.26 -35.98 21.33
N LEU B 305 -13.39 -34.99 21.11
CA LEU B 305 -13.77 -33.71 20.57
C LEU B 305 -13.06 -33.52 19.26
N GLN B 306 -13.81 -33.40 18.18
CA GLN B 306 -13.21 -33.06 16.89
C GLN B 306 -13.15 -31.55 16.78
N VAL B 307 -12.09 -31.03 16.17
CA VAL B 307 -12.03 -29.64 15.83
C VAL B 307 -11.55 -29.45 14.39
N GLY B 308 -12.29 -28.68 13.62
CA GLY B 308 -11.93 -28.39 12.26
C GLY B 308 -12.71 -27.24 11.68
N GLY B 309 -12.69 -27.13 10.36
CA GLY B 309 -13.27 -25.96 9.67
C GLY B 309 -12.23 -24.88 9.46
N ALA B 310 -11.42 -24.64 10.47
CA ALA B 310 -10.35 -23.68 10.45
C ALA B 310 -9.23 -24.23 11.31
N ARG B 311 -8.07 -23.60 11.21
CA ARG B 311 -6.91 -24.07 11.95
C ARG B 311 -6.99 -23.82 13.46
N LEU B 312 -6.79 -24.91 14.21
CA LEU B 312 -6.66 -24.89 15.63
C LEU B 312 -5.22 -24.61 16.02
N SER B 313 -5.00 -23.57 16.81
CA SER B 313 -3.66 -23.27 17.27
C SER B 313 -3.23 -24.37 18.25
N ALA B 314 -1.92 -24.59 18.32
CA ALA B 314 -1.32 -25.57 19.25
C ALA B 314 -1.62 -25.24 20.70
N THR B 315 -1.55 -23.96 21.01
CA THR B 315 -1.86 -23.47 22.34
C THR B 315 -3.27 -23.94 22.73
N LEU B 316 -4.24 -23.65 21.84
CA LEU B 316 -5.65 -23.97 22.09
C LEU B 316 -5.86 -25.47 22.16
N ALA B 317 -5.30 -26.17 21.21
CA ALA B 317 -5.35 -27.61 21.21
C ALA B 317 -4.90 -28.24 22.53
N ALA B 318 -3.74 -27.85 23.03
CA ALA B 318 -3.20 -28.48 24.25
C ALA B 318 -4.12 -28.31 25.47
N ARG B 319 -4.93 -27.25 25.48
CA ARG B 319 -5.85 -26.99 26.57
C ARG B 319 -6.99 -27.99 26.61
N ILE B 320 -7.22 -28.71 25.53
CA ILE B 320 -8.38 -29.58 25.50
C ILE B 320 -8.25 -30.78 26.43
N PRO B 321 -7.17 -31.58 26.34
CA PRO B 321 -7.08 -32.67 27.29
C PRO B 321 -6.93 -32.13 28.69
N ALA B 322 -6.12 -31.09 28.85
CA ALA B 322 -5.92 -30.44 30.16
C ALA B 322 -7.22 -29.95 30.82
N GLU B 323 -7.95 -29.07 30.14
CA GLU B 323 -9.11 -28.35 30.72
C GLU B 323 -10.47 -29.00 30.46
N ILE B 324 -10.57 -29.83 29.42
CA ILE B 324 -11.78 -30.61 29.19
C ILE B 324 -11.60 -32.11 29.50
N GLY B 325 -10.40 -32.66 29.33
CA GLY B 325 -10.18 -34.08 29.70
C GLY B 325 -10.71 -35.13 28.72
N CYS B 326 -10.99 -34.72 27.49
CA CYS B 326 -11.25 -35.67 26.42
C CYS B 326 -10.08 -35.66 25.43
N GLN B 327 -10.06 -36.63 24.53
CA GLN B 327 -9.09 -36.54 23.44
C GLN B 327 -9.51 -35.55 22.32
N LEU B 328 -8.50 -34.96 21.68
CA LEU B 328 -8.68 -34.11 20.55
C LEU B 328 -8.55 -34.90 19.24
N GLN B 329 -9.30 -34.51 18.23
CA GLN B 329 -9.04 -34.93 16.87
C GLN B 329 -9.15 -33.77 15.96
N GLN B 330 -8.09 -33.48 15.24
CA GLN B 330 -8.12 -32.38 14.33
C GLN B 330 -8.66 -32.90 13.02
N VAL B 331 -9.47 -32.08 12.37
CA VAL B 331 -10.14 -32.48 11.13
C VAL B 331 -10.01 -31.37 10.14
N PHE B 332 -9.28 -31.62 9.07
CA PHE B 332 -9.07 -30.69 8.00
C PHE B 332 -9.63 -31.31 6.71
N GLY B 333 -10.85 -30.89 6.38
CA GLY B 333 -11.52 -31.42 5.21
C GLY B 333 -12.09 -30.31 4.38
N MET B 334 -12.73 -30.72 3.30
CA MET B 334 -13.38 -29.80 2.36
C MET B 334 -14.53 -30.52 1.65
N ALA B 335 -15.57 -29.74 1.36
CA ALA B 335 -16.79 -30.22 0.73
C ALA B 335 -16.49 -30.87 -0.65
N GLU B 336 -15.45 -30.37 -1.29
CA GLU B 336 -14.99 -30.94 -2.56
C GLU B 336 -14.47 -32.39 -2.43
N GLY B 337 -14.07 -32.79 -1.22
CA GLY B 337 -13.63 -34.17 -0.96
C GLY B 337 -12.73 -34.43 0.23
N LEU B 338 -11.43 -34.60 -0.04
CA LEU B 338 -10.37 -34.86 0.96
C LEU B 338 -10.63 -34.40 2.40
N VAL B 339 -10.52 -35.35 3.32
CA VAL B 339 -10.60 -35.07 4.70
C VAL B 339 -9.38 -35.75 5.32
N ASN B 340 -8.58 -34.94 5.99
CA ASN B 340 -7.49 -35.42 6.77
C ASN B 340 -7.91 -35.48 8.23
N TYR B 341 -7.45 -36.51 8.93
CA TYR B 341 -7.73 -36.71 10.34
C TYR B 341 -6.43 -36.97 11.10
N THR B 342 -6.33 -36.51 12.35
CA THR B 342 -5.37 -37.10 13.26
C THR B 342 -6.05 -38.39 13.73
N ARG B 343 -5.27 -39.42 14.06
CA ARG B 343 -5.83 -40.68 14.50
C ARG B 343 -5.98 -40.70 16.05
N LEU B 344 -6.82 -41.60 16.56
CA LEU B 344 -7.01 -41.76 17.99
C LEU B 344 -5.78 -42.32 18.72
N ASP B 345 -4.88 -42.97 18.00
CA ASP B 345 -3.63 -43.48 18.61
C ASP B 345 -2.41 -42.67 18.22
N ASP B 346 -2.62 -41.50 17.63
CA ASP B 346 -1.49 -40.69 17.23
C ASP B 346 -0.85 -40.13 18.51
N SER B 347 0.45 -39.80 18.44
CA SER B 347 1.16 -39.12 19.50
C SER B 347 0.56 -37.73 19.80
N ALA B 348 0.73 -37.23 21.02
CA ALA B 348 0.26 -35.87 21.36
C ALA B 348 0.89 -34.83 20.43
N GLU B 349 2.12 -35.08 20.02
CA GLU B 349 2.79 -34.14 19.15
C GLU B 349 2.04 -33.95 17.82
N LYS B 350 1.47 -35.01 17.29
CA LYS B 350 0.82 -34.93 15.97
C LYS B 350 -0.59 -34.39 16.05
N ILE B 351 -1.26 -34.68 17.17
CA ILE B 351 -2.61 -34.22 17.43
C ILE B 351 -2.69 -32.71 17.73
N ILE B 352 -1.66 -32.19 18.39
CA ILE B 352 -1.64 -30.82 18.86
C ILE B 352 -1.13 -29.88 17.79
N HIS B 353 -0.14 -30.36 17.02
CA HIS B 353 0.60 -29.49 16.05
C HIS B 353 0.26 -29.68 14.55
N THR B 354 -0.44 -30.75 14.18
CA THR B 354 -0.80 -30.96 12.78
C THR B 354 -2.29 -31.15 12.54
N GLN B 355 -2.67 -31.18 11.26
CA GLN B 355 -4.01 -31.49 10.87
C GLN B 355 -4.12 -32.88 10.28
N GLY B 356 -3.23 -33.79 10.69
CA GLY B 356 -3.38 -35.20 10.38
C GLY B 356 -2.98 -35.57 8.97
N TYR B 357 -3.54 -36.66 8.45
CA TYR B 357 -3.26 -37.13 7.08
C TYR B 357 -4.54 -37.72 6.44
N PRO B 358 -4.53 -37.97 5.12
CA PRO B 358 -5.78 -38.39 4.45
C PRO B 358 -6.44 -39.66 4.98
N MET B 359 -7.77 -39.71 4.93
CA MET B 359 -8.50 -40.86 5.45
C MET B 359 -8.25 -42.08 4.59
N CYS B 360 -8.01 -41.87 3.31
CA CYS B 360 -7.82 -42.98 2.37
C CYS B 360 -6.35 -43.16 1.95
N PRO B 361 -5.83 -44.42 1.92
CA PRO B 361 -4.45 -44.64 1.42
C PRO B 361 -4.27 -44.18 -0.01
N ASP B 362 -5.35 -44.18 -0.80
CA ASP B 362 -5.32 -43.74 -2.19
C ASP B 362 -5.85 -42.33 -2.39
N ASP B 363 -6.00 -41.57 -1.30
CA ASP B 363 -6.02 -40.13 -1.43
C ASP B 363 -4.60 -39.81 -1.85
N GLU B 364 -4.46 -39.16 -2.99
CA GLU B 364 -3.17 -38.69 -3.47
C GLU B 364 -3.07 -37.19 -3.20
N VAL B 365 -2.02 -36.79 -2.48
CA VAL B 365 -1.81 -35.39 -2.10
C VAL B 365 -0.36 -34.99 -2.34
N TRP B 366 -0.14 -33.95 -3.14
CA TRP B 366 1.22 -33.42 -3.30
C TRP B 366 1.20 -31.91 -3.11
N VAL B 367 2.37 -31.30 -3.04
CA VAL B 367 2.47 -29.87 -2.81
C VAL B 367 3.12 -29.17 -3.98
N ALA B 368 2.40 -28.22 -4.57
CA ALA B 368 2.82 -27.59 -5.80
C ALA B 368 3.30 -26.18 -5.53
N ASP B 369 4.25 -25.73 -6.34
CA ASP B 369 4.68 -24.32 -6.30
C ASP B 369 3.78 -23.51 -7.21
N ALA B 370 4.11 -22.23 -7.35
CA ALA B 370 3.32 -21.28 -8.15
C ALA B 370 3.01 -21.75 -9.58
N GLU B 371 3.87 -22.56 -10.18
CA GLU B 371 3.66 -22.96 -11.60
C GLU B 371 3.35 -24.43 -11.85
N GLY B 372 2.89 -25.16 -10.83
CA GLY B 372 2.44 -26.53 -10.99
C GLY B 372 3.45 -27.62 -10.70
N ASN B 373 4.64 -27.29 -10.17
CA ASN B 373 5.68 -28.30 -9.97
C ASN B 373 5.75 -28.84 -8.53
N PRO B 374 5.91 -30.17 -8.38
CA PRO B 374 5.94 -30.69 -7.02
C PRO B 374 7.11 -30.15 -6.19
N LEU B 375 6.87 -29.91 -4.90
CA LEU B 375 7.87 -29.42 -4.00
C LEU B 375 8.27 -30.57 -3.11
N PRO B 376 9.52 -30.55 -2.60
CA PRO B 376 9.91 -31.64 -1.72
C PRO B 376 9.31 -31.46 -0.34
N GLN B 377 9.45 -32.50 0.48
CA GLN B 377 8.71 -32.72 1.72
C GLN B 377 8.47 -31.53 2.68
N GLY B 378 9.46 -31.00 3.36
CA GLY B 378 9.16 -29.88 4.28
C GLY B 378 8.66 -28.52 3.71
N GLU B 379 8.56 -28.39 2.38
CA GLU B 379 8.25 -27.11 1.73
C GLU B 379 6.77 -26.74 1.68
N VAL B 380 6.51 -25.44 1.69
CA VAL B 380 5.15 -24.92 1.75
C VAL B 380 4.63 -24.60 0.37
N GLY B 381 3.49 -25.15 0.01
CA GLY B 381 2.89 -24.84 -1.28
C GLY B 381 1.41 -25.16 -1.36
N ARG B 382 0.91 -25.19 -2.60
CA ARG B 382 -0.48 -25.43 -2.86
C ARG B 382 -0.86 -26.91 -2.79
N LEU B 383 -1.95 -27.18 -2.06
CA LEU B 383 -2.43 -28.53 -1.87
C LEU B 383 -3.09 -28.97 -3.16
N MET B 384 -2.60 -30.09 -3.72
CA MET B 384 -3.16 -30.69 -4.95
C MET B 384 -3.59 -32.08 -4.59
N THR B 385 -4.81 -32.46 -4.99
CA THR B 385 -5.32 -33.77 -4.59
C THR B 385 -6.35 -34.41 -5.50
N ARG B 386 -6.35 -35.74 -5.47
CA ARG B 386 -7.41 -36.55 -6.10
C ARG B 386 -7.55 -37.86 -5.35
N GLY B 387 -8.72 -38.49 -5.43
CA GLY B 387 -8.96 -39.71 -4.66
C GLY B 387 -10.38 -40.24 -4.83
N PRO B 388 -10.70 -41.33 -4.15
CA PRO B 388 -11.99 -42.00 -4.35
C PRO B 388 -13.25 -41.24 -3.88
N TYR B 389 -13.10 -40.16 -3.12
CA TYR B 389 -14.25 -39.38 -2.72
C TYR B 389 -14.03 -37.91 -2.96
N THR B 390 -13.14 -37.56 -3.88
CA THR B 390 -12.90 -36.18 -4.21
C THR B 390 -13.42 -35.96 -5.62
N PHE B 391 -14.25 -34.92 -5.77
CA PHE B 391 -14.96 -34.67 -7.03
C PHE B 391 -14.03 -34.37 -8.20
N ARG B 392 -14.57 -34.47 -9.41
CA ARG B 392 -13.85 -34.17 -10.63
C ARG B 392 -14.42 -32.96 -11.37
N GLY B 393 -15.40 -32.29 -10.77
CA GLY B 393 -15.90 -31.07 -11.37
C GLY B 393 -17.08 -30.56 -10.60
N TYR B 394 -17.23 -29.24 -10.57
CA TYR B 394 -18.39 -28.61 -10.02
C TYR B 394 -19.58 -28.75 -10.99
N TYR B 395 -20.81 -28.63 -10.49
CA TYR B 395 -22.00 -28.78 -11.34
C TYR B 395 -22.07 -27.67 -12.38
N LYS B 396 -22.36 -28.05 -13.63
CA LYS B 396 -22.53 -27.12 -14.73
C LYS B 396 -21.62 -25.89 -14.65
N SER B 397 -20.30 -26.14 -14.59
CA SER B 397 -19.31 -25.09 -14.44
C SER B 397 -18.06 -25.35 -15.28
N PRO B 398 -18.23 -25.52 -16.59
CA PRO B 398 -17.12 -25.80 -17.51
C PRO B 398 -16.00 -24.78 -17.40
N GLN B 399 -16.35 -23.50 -17.29
CA GLN B 399 -15.36 -22.44 -17.24
C GLN B 399 -14.51 -22.59 -15.98
N HIS B 400 -15.16 -22.63 -14.81
CA HIS B 400 -14.44 -22.69 -13.55
C HIS B 400 -13.71 -24.04 -13.38
N ASN B 401 -14.32 -25.10 -13.90
CA ASN B 401 -13.71 -26.41 -13.86
C ASN B 401 -12.41 -26.51 -14.60
N ALA B 402 -12.31 -25.76 -15.68
CA ALA B 402 -11.06 -25.76 -16.48
C ALA B 402 -9.90 -25.21 -15.65
N SER B 403 -10.17 -24.19 -14.84
CA SER B 403 -9.21 -23.63 -13.91
C SER B 403 -8.98 -24.41 -12.61
N ALA B 404 -9.99 -25.11 -12.11
CA ALA B 404 -9.85 -25.74 -10.80
C ALA B 404 -9.09 -27.05 -10.77
N PHE B 405 -8.93 -27.71 -11.91
CA PHE B 405 -8.20 -29.01 -11.96
C PHE B 405 -7.05 -28.94 -12.97
N ASP B 406 -5.94 -29.61 -12.69
CA ASP B 406 -4.84 -29.74 -13.66
C ASP B 406 -5.19 -30.83 -14.70
N ALA B 407 -4.29 -31.03 -15.66
CA ALA B 407 -4.52 -31.93 -16.80
C ALA B 407 -4.71 -33.38 -16.37
N ASN B 408 -4.06 -33.76 -15.26
CA ASN B 408 -4.20 -35.10 -14.67
C ASN B 408 -5.42 -35.33 -13.74
N GLY B 409 -6.27 -34.31 -13.54
CA GLY B 409 -7.44 -34.42 -12.66
C GLY B 409 -7.23 -34.07 -11.19
N PHE B 410 -6.04 -33.53 -10.84
CA PHE B 410 -5.78 -33.11 -9.47
C PHE B 410 -6.48 -31.80 -9.21
N TYR B 411 -7.22 -31.75 -8.11
CA TYR B 411 -7.91 -30.54 -7.65
C TYR B 411 -6.97 -29.70 -6.72
N CYS B 412 -6.88 -28.41 -6.98
CA CYS B 412 -6.16 -27.52 -6.04
C CYS B 412 -7.12 -26.94 -5.03
N SER B 413 -6.92 -27.21 -3.75
CA SER B 413 -7.89 -26.74 -2.71
C SER B 413 -7.77 -25.24 -2.39
N GLY B 414 -6.69 -24.60 -2.84
CA GLY B 414 -6.44 -23.21 -2.57
C GLY B 414 -5.84 -23.01 -1.21
N ASP B 415 -5.49 -24.11 -0.55
CA ASP B 415 -4.80 -24.12 0.73
C ASP B 415 -3.31 -24.21 0.54
N LEU B 416 -2.55 -23.56 1.40
CA LEU B 416 -1.10 -23.71 1.43
C LEU B 416 -0.76 -24.62 2.58
N ILE B 417 -0.01 -25.68 2.29
CA ILE B 417 0.32 -26.66 3.29
C ILE B 417 1.80 -27.02 3.20
N SER B 418 2.28 -27.66 4.26
CA SER B 418 3.50 -28.41 4.21
C SER B 418 3.20 -29.79 4.78
N ILE B 419 4.03 -30.75 4.39
CA ILE B 419 3.96 -32.12 4.84
C ILE B 419 5.24 -32.43 5.64
N ASP B 420 5.04 -33.01 6.83
CA ASP B 420 6.04 -33.71 7.69
C ASP B 420 6.84 -34.83 7.03
N PRO B 421 7.99 -35.19 7.61
CA PRO B 421 8.65 -36.47 7.25
C PRO B 421 7.82 -37.71 7.57
N GLU B 422 6.96 -37.60 8.58
CA GLU B 422 6.06 -38.69 8.95
C GLU B 422 4.80 -38.75 8.09
N GLY B 423 4.61 -37.78 7.21
CA GLY B 423 3.49 -37.81 6.26
C GLY B 423 2.28 -37.03 6.70
N TYR B 424 2.41 -36.28 7.77
CA TYR B 424 1.31 -35.43 8.28
C TYR B 424 1.32 -34.02 7.66
N ILE B 425 0.12 -33.41 7.58
CA ILE B 425 -0.13 -32.15 6.91
C ILE B 425 -0.39 -31.04 7.93
N THR B 426 0.21 -29.87 7.67
CA THR B 426 0.01 -28.70 8.49
C THR B 426 -0.45 -27.55 7.57
N VAL B 427 -1.57 -26.90 7.91
CA VAL B 427 -2.11 -25.85 7.06
C VAL B 427 -1.34 -24.62 7.42
N GLN B 428 -0.71 -24.00 6.43
CA GLN B 428 0.23 -22.86 6.65
C GLN B 428 -0.32 -21.55 6.18
N GLY B 429 -1.35 -21.59 5.33
CA GLY B 429 -1.97 -20.38 4.80
C GLY B 429 -2.95 -20.68 3.69
N ARG B 430 -3.19 -19.67 2.88
CA ARG B 430 -4.23 -19.78 1.88
C ARG B 430 -3.92 -19.01 0.61
N GLU B 431 -4.37 -19.50 -0.51
CA GLU B 431 -4.19 -18.80 -1.76
C GLU B 431 -5.55 -18.36 -2.27
N LYS B 432 -6.58 -19.22 -2.07
CA LYS B 432 -7.91 -18.94 -2.60
C LYS B 432 -8.45 -17.67 -1.96
N ASP B 433 -9.23 -16.94 -2.74
CA ASP B 433 -9.69 -15.63 -2.33
C ASP B 433 -10.90 -15.78 -1.40
N GLN B 434 -10.63 -16.30 -0.21
CA GLN B 434 -11.68 -16.73 0.72
C GLN B 434 -11.42 -16.31 2.17
N ILE B 435 -12.44 -15.81 2.85
CA ILE B 435 -12.32 -15.52 4.27
C ILE B 435 -12.91 -16.65 5.09
N ASN B 436 -12.16 -17.09 6.08
CA ASN B 436 -12.56 -18.21 6.95
C ASN B 436 -12.85 -17.61 8.31
N ARG B 437 -14.12 -17.23 8.46
CA ARG B 437 -14.61 -16.54 9.62
C ARG B 437 -15.12 -17.53 10.69
N GLY B 438 -14.21 -17.92 11.56
CA GLY B 438 -14.50 -18.91 12.59
C GLY B 438 -14.99 -20.23 12.03
N GLY B 439 -14.52 -20.57 10.82
CA GLY B 439 -14.91 -21.82 10.16
C GLY B 439 -15.89 -21.67 9.01
N GLU B 440 -16.64 -20.56 9.04
CA GLU B 440 -17.58 -20.21 7.98
C GLU B 440 -16.92 -19.44 6.83
N LYS B 441 -17.19 -19.89 5.62
CA LYS B 441 -16.46 -19.48 4.44
C LYS B 441 -17.17 -18.37 3.68
N ILE B 442 -16.42 -17.36 3.29
CA ILE B 442 -16.92 -16.21 2.57
C ILE B 442 -16.09 -16.04 1.34
N ALA B 443 -16.70 -16.22 0.18
CA ALA B 443 -16.07 -15.84 -1.06
C ALA B 443 -16.06 -14.35 -1.23
N ALA B 444 -14.85 -13.80 -1.23
CA ALA B 444 -14.60 -12.38 -1.34
C ALA B 444 -15.11 -11.72 -2.61
N GLU B 445 -15.03 -12.44 -3.71
CA GLU B 445 -15.50 -11.92 -5.00
C GLU B 445 -17.00 -11.74 -4.98
N GLU B 446 -17.71 -12.64 -4.31
CA GLU B 446 -19.16 -12.51 -4.12
C GLU B 446 -19.53 -11.19 -3.41
N ILE B 447 -18.85 -10.90 -2.31
CA ILE B 447 -19.18 -9.72 -1.51
C ILE B 447 -18.70 -8.47 -2.22
N GLU B 448 -17.59 -8.57 -2.89
CA GLU B 448 -17.08 -7.46 -3.72
C GLU B 448 -18.06 -7.07 -4.83
N ASN B 449 -18.60 -8.05 -5.52
CA ASN B 449 -19.57 -7.76 -6.57
C ASN B 449 -20.81 -7.11 -6.02
N LEU B 450 -21.26 -7.55 -4.86
CA LEU B 450 -22.35 -6.86 -4.19
C LEU B 450 -22.00 -5.42 -3.80
N LEU B 451 -20.80 -5.21 -3.26
CA LEU B 451 -20.37 -3.88 -2.82
C LEU B 451 -20.31 -2.89 -3.99
N LEU B 452 -19.87 -3.35 -5.17
CA LEU B 452 -19.74 -2.46 -6.34
C LEU B 452 -21.08 -1.93 -6.85
N ARG B 453 -22.15 -2.67 -6.54
CA ARG B 453 -23.51 -2.20 -6.76
C ARG B 453 -23.92 -0.96 -5.97
N HIS B 454 -23.20 -0.64 -4.90
CA HIS B 454 -23.47 0.58 -4.16
C HIS B 454 -23.09 1.78 -5.04
N PRO B 455 -24.01 2.78 -5.17
CA PRO B 455 -23.85 3.97 -6.01
C PRO B 455 -22.56 4.70 -5.74
N ALA B 456 -22.06 4.57 -4.52
CA ALA B 456 -20.94 5.36 -4.03
C ALA B 456 -19.62 4.59 -4.12
N VAL B 457 -19.69 3.27 -4.31
CA VAL B 457 -18.52 2.41 -4.34
C VAL B 457 -18.01 2.25 -5.78
N ILE B 458 -16.76 2.65 -5.97
CA ILE B 458 -16.10 2.58 -7.24
C ILE B 458 -15.30 1.29 -7.33
N TYR B 459 -14.44 1.05 -6.33
CA TYR B 459 -13.67 -0.21 -6.23
C TYR B 459 -13.88 -0.81 -4.83
N ALA B 460 -13.73 -2.12 -4.74
CA ALA B 460 -13.95 -2.83 -3.50
C ALA B 460 -13.00 -4.02 -3.37
N ALA B 461 -12.40 -4.17 -2.19
CA ALA B 461 -11.58 -5.32 -1.87
C ALA B 461 -11.90 -5.79 -0.45
N LEU B 462 -12.25 -7.07 -0.37
CA LEU B 462 -12.57 -7.71 0.89
C LEU B 462 -11.39 -8.54 1.30
N VAL B 463 -10.84 -8.34 2.51
CA VAL B 463 -9.70 -9.16 2.97
C VAL B 463 -9.91 -9.64 4.37
N SER B 464 -9.25 -10.73 4.76
CA SER B 464 -9.35 -11.20 6.15
C SER B 464 -8.45 -10.37 7.01
N MET B 465 -8.80 -10.29 8.30
CA MET B 465 -7.89 -9.72 9.29
C MET B 465 -7.85 -10.64 10.48
N GLU B 466 -6.69 -10.71 11.16
CA GLU B 466 -6.54 -11.58 12.32
C GLU B 466 -7.58 -11.14 13.38
N ASP B 467 -8.17 -12.13 14.06
CA ASP B 467 -9.07 -11.90 15.20
C ASP B 467 -8.86 -13.04 16.19
N GLU B 468 -8.68 -12.72 17.47
CA GLU B 468 -8.28 -13.76 18.42
C GLU B 468 -9.33 -14.86 18.52
N LEU B 469 -10.59 -14.48 18.70
CA LEU B 469 -11.66 -15.46 18.87
C LEU B 469 -12.00 -16.21 17.56
N MET B 470 -12.33 -15.44 16.52
CA MET B 470 -12.83 -15.96 15.26
C MET B 470 -11.73 -16.42 14.28
N GLY B 471 -10.46 -16.14 14.60
CA GLY B 471 -9.36 -16.48 13.67
C GLY B 471 -9.21 -15.41 12.57
N GLU B 472 -10.29 -15.22 11.82
CA GLU B 472 -10.38 -14.20 10.79
C GLU B 472 -11.73 -13.52 10.90
N LYS B 473 -11.72 -12.21 10.73
CA LYS B 473 -12.90 -11.39 10.53
C LYS B 473 -12.72 -10.75 9.17
N SER B 474 -13.73 -10.06 8.68
CA SER B 474 -13.67 -9.46 7.36
C SER B 474 -13.62 -7.94 7.40
N CYS B 475 -12.89 -7.38 6.46
CA CYS B 475 -12.75 -5.94 6.34
C CYS B 475 -12.90 -5.57 4.87
N ALA B 476 -13.80 -4.61 4.61
CA ALA B 476 -14.04 -4.15 3.25
C ALA B 476 -13.31 -2.82 3.04
N TYR B 477 -12.32 -2.84 2.14
CA TYR B 477 -11.64 -1.65 1.65
C TYR B 477 -12.38 -1.14 0.43
N LEU B 478 -12.78 0.11 0.47
CA LEU B 478 -13.62 0.67 -0.60
C LEU B 478 -12.99 1.95 -1.12
N VAL B 479 -13.04 2.14 -2.42
CA VAL B 479 -12.73 3.42 -2.99
C VAL B 479 -14.06 4.03 -3.31
N VAL B 480 -14.35 5.19 -2.73
CA VAL B 480 -15.71 5.76 -2.75
C VAL B 480 -15.76 7.21 -3.27
N LYS B 481 -16.93 7.56 -3.82
CA LYS B 481 -17.22 8.91 -4.30
C LYS B 481 -17.44 9.93 -3.17
N GLU B 482 -17.68 9.44 -1.96
CA GLU B 482 -17.74 10.28 -0.73
C GLU B 482 -17.78 9.35 0.48
N PRO B 483 -17.33 9.80 1.67
CA PRO B 483 -17.30 8.91 2.85
C PRO B 483 -18.59 8.13 3.13
N LEU B 484 -18.41 6.95 3.66
CA LEU B 484 -19.45 5.95 3.69
C LEU B 484 -19.17 5.20 4.97
N ARG B 485 -20.15 5.14 5.86
CA ARG B 485 -19.94 4.49 7.14
C ARG B 485 -20.20 2.99 7.00
N ALA B 486 -19.53 2.22 7.85
CA ALA B 486 -19.77 0.79 7.99
C ALA B 486 -21.22 0.37 8.07
N VAL B 487 -22.04 1.07 8.84
CA VAL B 487 -23.45 0.71 8.96
C VAL B 487 -24.21 0.90 7.64
N GLN B 488 -23.75 1.83 6.81
CA GLN B 488 -24.44 2.05 5.55
C GLN B 488 -24.16 0.87 4.64
N VAL B 489 -22.90 0.43 4.65
CA VAL B 489 -22.49 -0.69 3.85
C VAL B 489 -23.22 -1.96 4.31
N ARG B 490 -23.25 -2.17 5.59
CA ARG B 490 -23.89 -3.36 6.10
C ARG B 490 -25.41 -3.34 5.83
N ARG B 491 -26.05 -2.18 5.97
CA ARG B 491 -27.49 -2.12 5.74
C ARG B 491 -27.74 -2.51 4.27
N PHE B 492 -26.91 -1.94 3.39
CA PHE B 492 -27.01 -2.15 1.98
C PHE B 492 -26.84 -3.59 1.61
N LEU B 493 -25.80 -4.23 2.15
CA LEU B 493 -25.55 -5.63 1.83
C LEU B 493 -26.68 -6.53 2.32
N ARG B 494 -27.22 -6.18 3.49
CA ARG B 494 -28.29 -6.95 4.01
C ARG B 494 -29.50 -6.85 3.08
N GLU B 495 -29.67 -5.70 2.43
CA GLU B 495 -30.80 -5.49 1.52
C GLU B 495 -30.65 -6.38 0.28
N GLN B 496 -29.43 -6.51 -0.22
CA GLN B 496 -29.11 -7.49 -1.27
C GLN B 496 -29.44 -8.96 -0.90
N GLY B 497 -29.66 -9.21 0.39
CA GLY B 497 -30.23 -10.44 0.87
C GLY B 497 -29.21 -11.55 1.00
N ILE B 498 -28.11 -11.26 1.70
CA ILE B 498 -27.11 -12.27 1.97
C ILE B 498 -27.16 -12.66 3.44
N ALA B 499 -26.49 -13.76 3.78
CA ALA B 499 -26.37 -14.26 5.13
C ALA B 499 -25.62 -13.31 6.05
N GLU B 500 -26.00 -13.27 7.33
CA GLU B 500 -25.37 -12.30 8.28
C GLU B 500 -23.86 -12.45 8.41
N PHE B 501 -23.37 -13.66 8.52
CA PHE B 501 -21.93 -13.84 8.74
C PHE B 501 -21.10 -13.25 7.60
N LYS B 502 -21.74 -12.91 6.47
CA LYS B 502 -21.07 -12.34 5.28
C LYS B 502 -20.95 -10.82 5.25
N LEU B 503 -21.53 -10.16 6.24
CA LEU B 503 -21.41 -8.71 6.35
C LEU B 503 -20.05 -8.38 6.92
N PRO B 504 -19.37 -7.41 6.33
CA PRO B 504 -18.04 -7.02 6.78
C PRO B 504 -18.01 -6.59 8.23
N ASP B 505 -17.04 -7.09 8.96
CA ASP B 505 -16.90 -6.73 10.36
C ASP B 505 -16.37 -5.31 10.44
N ARG B 506 -15.64 -4.92 9.40
CA ARG B 506 -15.00 -3.63 9.37
C ARG B 506 -15.05 -3.06 7.95
N VAL B 507 -15.22 -1.75 7.85
CA VAL B 507 -15.20 -1.09 6.57
C VAL B 507 -14.19 0.06 6.61
N GLU B 508 -13.45 0.26 5.53
CA GLU B 508 -12.39 1.24 5.42
C GLU B 508 -12.41 1.96 4.07
N CYS B 509 -12.60 3.28 4.07
CA CYS B 509 -12.58 4.04 2.82
C CYS B 509 -11.17 4.54 2.48
N VAL B 510 -10.80 4.47 1.22
CA VAL B 510 -9.44 4.83 0.83
C VAL B 510 -9.42 5.45 -0.55
N ASP B 511 -8.39 6.23 -0.85
CA ASP B 511 -8.31 6.89 -2.16
C ASP B 511 -7.86 5.97 -3.28
N SER B 512 -7.16 4.89 -2.92
CA SER B 512 -6.60 3.96 -3.89
C SER B 512 -6.33 2.55 -3.32
N LEU B 513 -5.84 1.64 -4.15
CA LEU B 513 -5.54 0.26 -3.74
C LEU B 513 -4.20 -0.22 -4.29
N PRO B 514 -3.48 -1.02 -3.49
CA PRO B 514 -2.22 -1.51 -3.96
C PRO B 514 -2.38 -2.53 -5.09
N LEU B 515 -1.70 -2.28 -6.22
CA LEU B 515 -1.64 -3.18 -7.38
C LEU B 515 -0.25 -3.84 -7.47
N THR B 516 -0.19 -5.04 -8.05
CA THR B 516 1.05 -5.85 -8.13
C THR B 516 1.72 -5.70 -9.51
N LYS B 520 -3.46 -6.24 -10.61
CA LYS B 520 -4.12 -7.06 -9.58
C LYS B 520 -3.90 -6.62 -8.12
N VAL B 521 -5.00 -6.68 -7.34
CA VAL B 521 -5.11 -6.06 -6.03
C VAL B 521 -4.42 -6.94 -5.02
N ASP B 522 -3.44 -6.37 -4.33
CA ASP B 522 -2.63 -7.09 -3.40
C ASP B 522 -3.32 -7.14 -2.04
N LYS B 523 -4.09 -8.19 -1.84
CA LYS B 523 -4.79 -8.37 -0.59
C LYS B 523 -3.81 -8.69 0.54
N LYS B 524 -2.72 -9.37 0.21
CA LYS B 524 -1.67 -9.65 1.22
C LYS B 524 -1.16 -8.33 1.85
N GLN B 525 -0.89 -7.34 1.00
CA GLN B 525 -0.53 -5.98 1.44
C GLN B 525 -1.58 -5.39 2.37
N LEU B 526 -2.83 -5.44 1.93
CA LEU B 526 -3.89 -4.86 2.73
C LEU B 526 -4.10 -5.54 4.08
N ARG B 527 -3.87 -6.86 4.18
CA ARG B 527 -3.94 -7.51 5.51
C ARG B 527 -2.94 -6.86 6.50
N GLN B 528 -1.80 -6.38 5.97
CA GLN B 528 -0.83 -5.59 6.72
C GLN B 528 -1.16 -4.07 6.68
O8 B1U C . 18.06 30.13 -2.57
N7 B1U C . 17.24 30.64 -1.79
O9 B1U C . 16.33 31.46 -2.17
C13 B1U C . 17.42 30.42 -0.53
C14 B1U C . 17.96 31.49 0.15
C15 B1U C . 18.23 31.33 1.48
C16 B1U C . 18.00 30.13 2.11
C17 B1U C . 17.49 29.04 1.41
C12 B1U C . 17.18 29.13 0.05
C11 B1U C . 16.68 27.95 -0.55
O7 B1U C . 16.58 26.92 0.12
N6 B1U C . 16.26 28.04 -1.85
SAT B1U C . 15.69 26.76 -2.75
O5 B1U C . 16.81 25.73 -2.97
O6 B1U C . 15.26 27.32 -4.08
O4 B1U C . 14.50 26.03 -2.06
C10 B1U C . 13.54 26.74 -1.29
C9 B1U C . 12.80 25.74 -0.39
O1 B1U C . 13.75 25.33 0.62
C8 B1U C . 11.71 26.45 0.42
O2 B1U C . 10.48 26.48 -0.28
C7 B1U C . 11.61 25.51 1.57
O3 B1U C . 10.82 24.38 1.19
C6 B1U C . 13.05 25.10 1.83
N5 B1U C . 13.73 25.92 2.87
C5 B1U C . 14.62 26.87 2.69
N4 B1U C . 14.99 27.32 3.87
C3 B1U C . 14.29 26.65 4.80
C2 B1U C . 13.53 25.77 4.16
N2 B1U C . 12.75 24.91 4.85
C1 B1U C . 12.73 24.93 6.26
N1 B1U C . 13.54 25.87 6.92
C4 B1U C . 14.29 26.70 6.17
N3 B1U C . 15.12 27.62 6.76
O8 B1U D . -15.71 -30.90 3.87
N7 B1U D . -16.11 -30.50 5.18
O9 B1U D . -17.43 -30.33 5.52
C13 B1U D . -15.28 -30.42 6.18
C14 B1U D . -15.17 -31.61 6.85
C15 B1U D . -14.40 -31.64 7.98
C16 B1U D . -13.78 -30.46 8.40
C17 B1U D . -13.92 -29.26 7.70
C12 B1U D . -14.69 -29.17 6.57
C11 B1U D . -14.77 -27.89 5.94
O7 B1U D . -14.40 -26.86 6.51
N6 B1U D . -15.25 -27.85 4.69
SAT B1U D . -15.42 -26.48 3.85
O5 B1U D . -16.42 -25.53 4.45
O6 B1U D . -15.89 -26.95 2.49
O4 B1U D . -14.11 -25.71 3.80
C10 B1U D . -12.91 -26.16 3.23
C9 B1U D . -11.74 -25.27 3.76
O1 B1U D . -11.80 -25.07 5.20
C8 B1U D . -10.42 -26.01 3.60
O2 B1U D . -10.00 -26.05 2.22
C7 B1U D . -9.55 -25.14 4.44
O3 B1U D . -9.31 -23.87 3.87
C6 B1U D . -10.43 -24.95 5.66
N5 B1U D . -10.21 -25.94 6.74
C5 B1U D . -11.02 -26.96 7.06
N4 B1U D . -10.50 -27.61 8.08
C3 B1U D . -9.36 -26.98 8.42
C2 B1U D . -9.20 -25.94 7.58
N2 B1U D . -8.12 -25.14 7.66
C1 B1U D . -7.18 -25.38 8.67
N1 B1U D . -7.38 -26.46 9.57
C4 B1U D . -8.46 -27.22 9.40
N3 B1U D . -8.72 -28.22 10.22
#